data_1AI7
#
_entry.id   1AI7
#
_cell.length_a   52.120
_cell.length_b   65.080
_cell.length_c   76.300
_cell.angle_alpha   100.20
_cell.angle_beta   111.44
_cell.angle_gamma   105.81
#
_symmetry.space_group_name_H-M   'P 1'
#
loop_
_entity.id
_entity.type
_entity.pdbx_description
1 polymer 'PENICILLIN AMIDOHYDROLASE'
2 polymer 'PENICILLIN AMIDOHYDROLASE'
3 non-polymer 'CALCIUM ION'
4 non-polymer PHENOL
5 water water
#
loop_
_entity_poly.entity_id
_entity_poly.type
_entity_poly.pdbx_seq_one_letter_code
_entity_poly.pdbx_strand_id
1 'polypeptide(L)'
;EQSSSEIKIVRDEYGMPHIYANDTWHLFYGYGYVVAQDRLFQMEMARRSTQGTVAEVLGKDFVKFDKDIRRNYWPDAIRA
QIAALSPEDMSILQGYADGMNAWIDKVNTNPETLLPKQFNTFGFTPKRWEPFDVAMIFVGTMANRFSDSTSEIDNLALLT
ALKDKYGVSQGMAVFNQLKWLVNPSAPTTIAVQESNYPLKFNQQNSQTA
;
A
2 'polypeptide(L)'
;SNMWVIGKSKAQDAKAIMVNGPQFGWYAPAYTYGIGLHGAGYDVTGNTPFAYPGLVFGHNGVISWGSTAGFGDDVDIFAE
RLSAEKPGYYLHNGKWVKMLSREETITVKNGQAETFTVWRTVHGNILQTDQTTQTAYAKSRAWDGKEVASLLAWTHQMKA
KNWQQWTQQAAKQALTINWYYADVNGNIGYVHTGAYPDRQSGHDPRLPVPGTGKWDWKGLLPFEMNPKVYNPQSGYIANW
NNSPQKDYPASDLFAFLWGGADRVTEIDRLLEQKPRLTADQAWDVIRQTSRQDLNLRLFLPTLQAATSGLTQSDPRRQLV
ETLTRWDGINLLNDDGKTWQQPGSAILNVWLTSMLKRTVVAAVPMPFDKWYSASGYETTQDGPTGSLNISVGAKILYEAV
QGDKSPIPQAVDLFAGKPQQEVVLAALEDTWETLSKRYGNNVSNWKTPAMALTFRANNFFGVPQAAAEETRHQAEYQNRG
TENDMIVFSPTTSDRPVLAWDVVAPGQSGFIAPDGTVDKHYEDQLKMYENFGRKSLWLTKQDVEAHKESQEVLHVQR
;
B
#
# COMPACT_ATOMS: atom_id res chain seq x y z
N SER A 3 40.48 4.05 -9.45
CA SER A 3 40.36 2.61 -9.13
C SER A 3 38.98 1.97 -9.33
N SER A 4 39.07 0.79 -9.93
CA SER A 4 37.96 -0.13 -10.11
C SER A 4 37.67 -0.97 -8.87
N SER A 5 38.57 -1.00 -7.88
CA SER A 5 38.36 -1.86 -6.73
C SER A 5 37.84 -1.04 -5.55
N GLU A 6 37.85 0.28 -5.72
CA GLU A 6 37.47 1.18 -4.66
C GLU A 6 35.98 1.47 -4.52
N ILE A 7 35.49 1.42 -3.30
CA ILE A 7 34.11 1.85 -3.00
C ILE A 7 34.21 2.93 -1.92
N LYS A 8 33.77 4.13 -2.17
CA LYS A 8 33.82 5.17 -1.16
C LYS A 8 32.39 5.35 -0.59
N ILE A 9 32.24 5.35 0.72
CA ILE A 9 30.98 5.54 1.41
C ILE A 9 30.99 6.80 2.24
N VAL A 10 30.24 7.82 1.86
CA VAL A 10 30.13 9.07 2.60
C VAL A 10 28.77 9.13 3.31
N ARG A 11 28.70 9.33 4.62
CA ARG A 11 27.38 9.54 5.29
C ARG A 11 27.10 11.01 5.58
N ASP A 12 25.83 11.44 5.38
CA ASP A 12 25.58 12.85 5.68
C ASP A 12 25.25 13.13 7.13
N GLU A 13 24.81 14.35 7.44
CA GLU A 13 24.46 14.69 8.83
C GLU A 13 23.31 13.90 9.40
N TYR A 14 22.46 13.24 8.60
CA TYR A 14 21.42 12.38 9.16
C TYR A 14 21.85 10.94 9.03
N GLY A 15 23.08 10.69 8.60
CA GLY A 15 23.57 9.31 8.63
C GLY A 15 23.23 8.61 7.32
N MET A 16 22.67 9.32 6.36
CA MET A 16 22.30 8.72 5.07
C MET A 16 23.52 8.47 4.18
N PRO A 17 23.73 7.24 3.76
CA PRO A 17 24.89 6.77 3.03
C PRO A 17 24.83 7.12 1.54
N HIS A 18 25.97 7.62 1.03
CA HIS A 18 26.13 7.78 -0.43
C HIS A 18 27.24 6.88 -0.96
N ILE A 19 26.92 6.09 -2.01
CA ILE A 19 27.91 5.15 -2.51
C ILE A 19 28.54 5.59 -3.83
N TYR A 20 29.86 5.61 -3.85
CA TYR A 20 30.65 6.04 -5.03
C TYR A 20 31.41 4.78 -5.47
N ALA A 21 31.21 4.29 -6.66
CA ALA A 21 31.81 3.11 -7.27
C ALA A 21 31.82 3.22 -8.78
N ASN A 22 32.63 2.33 -9.43
CA ASN A 22 32.81 2.57 -10.85
C ASN A 22 32.11 1.52 -11.74
N ASP A 23 31.67 0.42 -11.10
CA ASP A 23 30.82 -0.55 -11.81
C ASP A 23 29.76 -1.14 -10.91
N THR A 24 28.86 -1.86 -11.56
CA THR A 24 27.64 -2.33 -10.96
C THR A 24 27.88 -3.13 -9.70
N TRP A 25 28.69 -4.17 -9.84
CA TRP A 25 28.93 -5.03 -8.68
C TRP A 25 29.48 -4.31 -7.45
N HIS A 26 30.41 -3.35 -7.70
CA HIS A 26 30.94 -2.56 -6.58
C HIS A 26 29.92 -1.62 -5.98
N LEU A 27 29.10 -1.03 -6.88
CA LEU A 27 28.07 -0.11 -6.42
C LEU A 27 27.11 -0.74 -5.43
N PHE A 28 26.48 -1.85 -5.88
CA PHE A 28 25.50 -2.51 -5.02
C PHE A 28 26.11 -3.31 -3.90
N TYR A 29 27.43 -3.54 -3.99
CA TYR A 29 28.13 -4.14 -2.84
C TYR A 29 28.18 -3.09 -1.75
N GLY A 30 28.51 -1.85 -2.11
CA GLY A 30 28.48 -0.75 -1.16
C GLY A 30 27.12 -0.61 -0.48
N TYR A 31 26.03 -0.64 -1.28
CA TYR A 31 24.66 -0.49 -0.80
C TYR A 31 24.31 -1.56 0.23
N GLY A 32 24.53 -2.79 -0.11
CA GLY A 32 24.31 -3.90 0.83
C GLY A 32 25.13 -3.78 2.09
N TYR A 33 26.36 -3.29 2.02
CA TYR A 33 27.25 -3.17 3.17
C TYR A 33 26.72 -2.13 4.14
N VAL A 34 26.21 -0.98 3.67
CA VAL A 34 25.63 0.00 4.58
C VAL A 34 24.27 -0.44 5.12
N VAL A 35 23.56 -1.27 4.37
CA VAL A 35 22.27 -1.79 4.87
C VAL A 35 22.53 -2.72 6.03
N ALA A 36 23.54 -3.57 5.90
CA ALA A 36 23.97 -4.48 6.95
C ALA A 36 24.46 -3.68 8.16
N GLN A 37 25.07 -2.52 7.95
CA GLN A 37 25.51 -1.69 9.07
C GLN A 37 24.32 -1.11 9.82
N ASP A 38 23.34 -0.54 9.10
CA ASP A 38 22.22 0.17 9.65
C ASP A 38 21.02 -0.63 10.12
N ARG A 39 20.71 -1.71 9.41
CA ARG A 39 19.43 -2.42 9.59
C ARG A 39 19.56 -3.93 9.60
N LEU A 40 20.65 -4.48 10.18
CA LEU A 40 20.80 -5.91 10.13
C LEU A 40 19.64 -6.68 10.73
N PHE A 41 19.24 -6.45 12.00
CA PHE A 41 18.20 -7.25 12.59
C PHE A 41 16.87 -7.13 11.83
N GLN A 42 16.46 -5.93 11.43
CA GLN A 42 15.25 -5.74 10.65
C GLN A 42 15.29 -6.55 9.35
N MET A 43 16.45 -6.52 8.67
CA MET A 43 16.61 -7.25 7.42
C MET A 43 16.57 -8.74 7.61
N GLU A 44 17.16 -9.22 8.71
CA GLU A 44 17.14 -10.67 8.95
C GLU A 44 15.73 -11.12 9.30
N MET A 45 14.94 -10.29 10.02
CA MET A 45 13.59 -10.73 10.38
C MET A 45 12.67 -10.62 9.15
N ALA A 46 12.98 -9.64 8.28
CA ALA A 46 12.20 -9.57 7.05
C ALA A 46 12.56 -10.76 6.15
N ARG A 47 13.82 -11.18 6.11
CA ARG A 47 14.17 -12.37 5.36
C ARG A 47 13.41 -13.56 5.91
N ARG A 48 13.27 -13.74 7.20
CA ARG A 48 12.58 -14.91 7.73
C ARG A 48 11.09 -14.84 7.47
N SER A 49 10.58 -13.62 7.45
CA SER A 49 9.14 -13.39 7.29
C SER A 49 8.72 -13.72 5.85
N THR A 50 9.52 -13.26 4.90
CA THR A 50 9.16 -13.46 3.51
C THR A 50 9.36 -14.90 3.04
N GLN A 51 10.17 -15.67 3.81
CA GLN A 51 10.44 -17.05 3.39
C GLN A 51 9.83 -18.08 4.31
N GLY A 52 9.22 -17.59 5.41
CA GLY A 52 8.55 -18.51 6.33
C GLY A 52 9.51 -19.36 7.13
N THR A 53 10.49 -18.71 7.77
CA THR A 53 11.42 -19.43 8.63
C THR A 53 11.45 -18.72 9.99
N VAL A 54 10.34 -18.17 10.46
CA VAL A 54 10.22 -17.48 11.73
C VAL A 54 10.15 -18.41 12.93
N ALA A 55 9.45 -19.54 12.78
CA ALA A 55 9.32 -20.47 13.88
C ALA A 55 10.64 -21.11 14.29
N GLU A 56 11.66 -21.15 13.44
CA GLU A 56 12.96 -21.71 13.81
C GLU A 56 13.60 -20.86 14.93
N VAL A 57 13.44 -19.55 14.96
CA VAL A 57 14.06 -18.79 16.03
C VAL A 57 12.99 -18.31 17.00
N LEU A 58 11.68 -18.37 16.68
CA LEU A 58 10.71 -17.79 17.60
C LEU A 58 9.70 -18.82 18.09
N GLY A 59 9.65 -20.03 17.55
CA GLY A 59 8.82 -21.02 18.17
C GLY A 59 7.46 -21.31 17.61
N LYS A 60 6.68 -22.07 18.39
CA LYS A 60 5.39 -22.61 18.05
C LYS A 60 4.32 -21.60 17.69
N ASP A 61 4.32 -20.39 18.22
CA ASP A 61 3.30 -19.44 17.83
C ASP A 61 3.41 -19.09 16.36
N PHE A 62 4.51 -19.27 15.64
CA PHE A 62 4.69 -18.89 14.28
C PHE A 62 4.62 -19.99 13.23
N VAL A 63 4.25 -21.21 13.57
CA VAL A 63 4.16 -22.33 12.66
C VAL A 63 3.06 -22.13 11.64
N LYS A 64 1.89 -21.60 12.01
CA LYS A 64 0.83 -21.40 11.00
C LYS A 64 1.30 -20.31 10.03
N PHE A 65 1.86 -19.24 10.55
CA PHE A 65 2.36 -18.14 9.77
C PHE A 65 3.35 -18.68 8.75
N ASP A 66 4.32 -19.47 9.19
CA ASP A 66 5.35 -20.01 8.30
C ASP A 66 4.69 -20.85 7.22
N LYS A 67 3.79 -21.75 7.55
CA LYS A 67 3.12 -22.54 6.55
C LYS A 67 2.33 -21.65 5.57
N ASP A 68 1.66 -20.60 6.01
CA ASP A 68 0.90 -19.78 5.10
C ASP A 68 1.85 -19.09 4.11
N ILE A 69 3.00 -18.61 4.54
CA ILE A 69 3.95 -17.94 3.67
C ILE A 69 4.45 -18.90 2.60
N ARG A 70 4.83 -20.11 2.95
CA ARG A 70 5.35 -21.09 2.00
C ARG A 70 4.31 -21.58 1.03
N ARG A 71 3.04 -21.68 1.45
CA ARG A 71 1.92 -21.97 0.55
C ARG A 71 1.74 -20.95 -0.57
N ASN A 72 2.17 -19.69 -0.33
CA ASN A 72 1.79 -18.61 -1.24
C ASN A 72 2.83 -18.28 -2.31
N TYR A 73 3.83 -19.15 -2.45
CA TYR A 73 4.77 -18.97 -3.57
C TYR A 73 5.52 -20.23 -3.95
N TRP A 74 6.27 -20.17 -5.02
CA TRP A 74 6.93 -21.34 -5.57
C TRP A 74 8.41 -21.00 -5.79
N PRO A 75 9.27 -21.39 -4.88
CA PRO A 75 10.67 -21.01 -4.88
C PRO A 75 11.45 -21.33 -6.14
N ASP A 76 11.27 -22.50 -6.73
CA ASP A 76 11.92 -22.85 -7.97
C ASP A 76 11.63 -21.87 -9.12
N ALA A 77 10.41 -21.38 -9.23
CA ALA A 77 10.09 -20.38 -10.21
C ALA A 77 10.91 -19.10 -10.01
N ILE A 78 11.21 -18.71 -8.77
CA ILE A 78 12.01 -17.51 -8.52
C ILE A 78 13.47 -17.78 -8.91
N ARG A 79 13.99 -18.95 -8.54
CA ARG A 79 15.35 -19.35 -8.88
C ARG A 79 15.57 -19.44 -10.38
N ALA A 80 14.58 -19.94 -11.13
CA ALA A 80 14.70 -19.93 -12.58
C ALA A 80 14.75 -18.54 -13.16
N GLN A 81 14.08 -17.57 -12.51
CA GLN A 81 14.12 -16.22 -13.09
C GLN A 81 15.52 -15.67 -12.84
N ILE A 82 16.14 -16.04 -11.76
CA ILE A 82 17.43 -15.51 -11.39
C ILE A 82 18.48 -16.15 -12.30
N ALA A 83 18.34 -17.45 -12.59
CA ALA A 83 19.22 -18.11 -13.54
C ALA A 83 19.13 -17.57 -14.95
N ALA A 84 18.10 -16.92 -15.43
CA ALA A 84 18.08 -16.35 -16.76
C ALA A 84 18.59 -14.93 -16.79
N LEU A 85 19.03 -14.32 -15.71
CA LEU A 85 19.49 -12.91 -15.87
C LEU A 85 20.78 -12.85 -16.66
N SER A 86 21.00 -11.72 -17.31
CA SER A 86 22.27 -11.42 -17.93
C SER A 86 23.27 -11.06 -16.83
N PRO A 87 24.54 -11.15 -17.12
CA PRO A 87 25.62 -10.87 -16.17
C PRO A 87 25.51 -9.47 -15.58
N GLU A 88 25.12 -8.43 -16.23
CA GLU A 88 24.97 -7.10 -15.71
C GLU A 88 23.81 -7.09 -14.72
N ASP A 89 22.67 -7.73 -15.01
CA ASP A 89 21.55 -7.71 -14.07
C ASP A 89 21.84 -8.57 -12.87
N MET A 90 22.55 -9.66 -13.06
CA MET A 90 22.89 -10.57 -11.98
C MET A 90 23.81 -9.89 -10.96
N SER A 91 24.68 -9.00 -11.41
CA SER A 91 25.60 -8.24 -10.61
C SER A 91 24.94 -7.34 -9.56
N ILE A 92 23.80 -6.74 -9.92
CA ILE A 92 23.01 -6.00 -8.97
C ILE A 92 22.72 -6.86 -7.74
N LEU A 93 22.08 -7.99 -8.00
CA LEU A 93 21.66 -8.89 -6.93
C LEU A 93 22.83 -9.50 -6.16
N GLN A 94 23.85 -9.96 -6.91
CA GLN A 94 24.89 -10.61 -6.13
C GLN A 94 25.85 -9.61 -5.51
N GLY A 95 26.10 -8.47 -6.15
CA GLY A 95 26.84 -7.42 -5.46
C GLY A 95 26.24 -7.10 -4.12
N TYR A 96 24.94 -6.82 -4.07
CA TYR A 96 24.19 -6.49 -2.87
C TYR A 96 24.34 -7.58 -1.84
N ALA A 97 24.16 -8.85 -2.20
CA ALA A 97 24.33 -9.91 -1.19
C ALA A 97 25.77 -10.04 -0.67
N ASP A 98 26.77 -9.90 -1.56
CA ASP A 98 28.17 -9.96 -1.19
C ASP A 98 28.52 -8.81 -0.23
N GLY A 99 28.04 -7.62 -0.46
CA GLY A 99 28.30 -6.47 0.42
C GLY A 99 27.70 -6.71 1.81
N MET A 100 26.52 -7.37 1.85
CA MET A 100 25.89 -7.64 3.12
C MET A 100 26.76 -8.61 3.88
N ASN A 101 27.22 -9.61 3.14
CA ASN A 101 28.03 -10.70 3.65
C ASN A 101 29.34 -10.17 4.20
N ALA A 102 29.98 -9.24 3.49
CA ALA A 102 31.22 -8.66 4.04
C ALA A 102 30.96 -8.06 5.41
N TRP A 103 29.93 -7.27 5.64
CA TRP A 103 29.70 -6.77 7.00
C TRP A 103 29.25 -7.87 7.93
N ILE A 104 28.51 -8.87 7.46
CA ILE A 104 28.10 -9.93 8.41
C ILE A 104 29.30 -10.73 8.89
N ASP A 105 30.29 -10.99 8.03
CA ASP A 105 31.54 -11.63 8.40
C ASP A 105 32.24 -10.82 9.47
N LYS A 106 32.46 -9.52 9.35
CA LYS A 106 33.05 -8.74 10.43
C LYS A 106 32.18 -8.83 11.69
N VAL A 107 30.86 -8.86 11.60
CA VAL A 107 30.03 -8.90 12.79
C VAL A 107 30.18 -10.20 13.57
N ASN A 108 30.15 -11.33 12.83
CA ASN A 108 30.26 -12.61 13.50
C ASN A 108 31.69 -12.92 13.94
N THR A 109 32.59 -11.97 13.67
CA THR A 109 33.97 -12.13 14.08
C THR A 109 34.31 -11.28 15.26
N ASN A 110 33.57 -10.17 15.36
CA ASN A 110 33.74 -9.29 16.50
C ASN A 110 32.43 -9.02 17.19
N PRO A 111 31.69 -9.99 17.67
CA PRO A 111 30.35 -9.81 18.18
C PRO A 111 30.29 -8.97 19.44
N GLU A 112 31.34 -8.94 20.24
CA GLU A 112 31.34 -8.16 21.47
C GLU A 112 31.01 -6.70 21.21
N THR A 113 31.38 -6.12 20.09
CA THR A 113 31.09 -4.72 19.83
C THR A 113 30.17 -4.48 18.66
N LEU A 114 30.13 -5.42 17.71
CA LEU A 114 29.36 -5.22 16.49
C LEU A 114 28.03 -5.95 16.38
N LEU A 115 27.71 -6.94 17.18
CA LEU A 115 26.44 -7.64 16.96
C LEU A 115 25.28 -6.84 17.52
N PRO A 116 24.28 -6.50 16.72
CA PRO A 116 23.10 -5.77 17.17
C PRO A 116 22.53 -6.40 18.41
N LYS A 117 22.20 -5.61 19.41
CA LYS A 117 21.69 -6.14 20.67
C LYS A 117 20.60 -7.16 20.49
N GLN A 118 19.69 -6.87 19.54
CA GLN A 118 18.50 -7.69 19.28
C GLN A 118 18.80 -9.17 19.16
N PHE A 119 19.95 -9.45 18.49
CA PHE A 119 20.33 -10.84 18.26
C PHE A 119 20.58 -11.60 19.54
N ASN A 120 21.25 -10.92 20.48
CA ASN A 120 21.39 -11.55 21.80
C ASN A 120 20.08 -11.68 22.51
N THR A 121 19.23 -10.66 22.48
CA THR A 121 17.91 -10.75 23.06
C THR A 121 17.10 -11.93 22.56
N PHE A 122 17.09 -12.09 21.23
CA PHE A 122 16.28 -13.19 20.69
C PHE A 122 17.07 -14.47 20.57
N GLY A 123 18.35 -14.47 20.88
CA GLY A 123 19.12 -15.69 20.95
C GLY A 123 19.50 -16.31 19.64
N PHE A 124 19.98 -15.60 18.63
CA PHE A 124 20.38 -16.27 17.37
C PHE A 124 21.28 -15.30 16.63
N THR A 125 22.00 -15.77 15.63
CA THR A 125 23.00 -14.85 14.98
C THR A 125 22.68 -14.79 13.50
N PRO A 126 23.15 -13.78 12.79
CA PRO A 126 22.91 -13.61 11.37
C PRO A 126 23.59 -14.61 10.48
N LYS A 127 22.94 -14.97 9.39
CA LYS A 127 23.47 -15.88 8.39
C LYS A 127 23.74 -15.11 7.10
N ARG A 128 24.52 -15.66 6.20
CA ARG A 128 24.90 -15.05 4.94
C ARG A 128 23.77 -15.10 3.92
N TRP A 129 23.68 -14.14 3.02
CA TRP A 129 22.68 -13.92 2.05
C TRP A 129 23.11 -14.40 0.67
N GLU A 130 22.16 -14.70 -0.20
CA GLU A 130 22.44 -15.01 -1.61
C GLU A 130 21.45 -14.18 -2.42
N PRO A 131 21.64 -14.03 -3.71
CA PRO A 131 20.71 -13.31 -4.56
C PRO A 131 19.24 -13.66 -4.34
N PHE A 132 18.92 -14.93 -4.10
CA PHE A 132 17.59 -15.41 -3.90
C PHE A 132 16.91 -14.71 -2.71
N ASP A 133 17.65 -14.55 -1.62
CA ASP A 133 17.16 -13.78 -0.48
C ASP A 133 16.83 -12.33 -0.81
N VAL A 134 17.66 -11.65 -1.57
CA VAL A 134 17.39 -10.26 -1.95
C VAL A 134 16.10 -10.19 -2.75
N ALA A 135 15.86 -11.09 -3.68
CA ALA A 135 14.71 -11.10 -4.57
C ALA A 135 13.47 -11.37 -3.72
N MET A 136 13.55 -12.29 -2.75
CA MET A 136 12.46 -12.62 -1.87
C MET A 136 12.05 -11.50 -0.90
N ILE A 137 12.91 -10.59 -0.47
CA ILE A 137 12.50 -9.39 0.25
C ILE A 137 11.47 -8.63 -0.59
N PHE A 138 11.80 -8.29 -1.83
CA PHE A 138 10.86 -7.58 -2.71
C PHE A 138 9.60 -8.38 -3.01
N VAL A 139 9.63 -9.69 -3.30
CA VAL A 139 8.48 -10.46 -3.63
C VAL A 139 7.53 -10.46 -2.43
N GLY A 140 8.08 -10.76 -1.26
CA GLY A 140 7.37 -10.90 -0.04
C GLY A 140 6.70 -9.63 0.47
N THR A 141 7.32 -8.48 0.28
CA THR A 141 6.83 -7.28 0.98
C THR A 141 6.18 -6.36 -0.03
N MET A 142 6.43 -6.57 -1.33
CA MET A 142 5.89 -5.66 -2.34
C MET A 142 4.85 -6.42 -3.18
N ALA A 143 5.24 -7.49 -3.82
CA ALA A 143 4.26 -8.18 -4.67
C ALA A 143 3.14 -8.80 -3.85
N ASN A 144 3.55 -9.38 -2.70
CA ASN A 144 2.59 -10.15 -1.89
C ASN A 144 1.71 -9.27 -1.03
N ARG A 145 2.24 -8.11 -0.61
CA ARG A 145 1.41 -7.21 0.21
C ARG A 145 0.52 -6.32 -0.61
N PHE A 146 0.91 -5.86 -1.78
CA PHE A 146 0.15 -4.89 -2.53
C PHE A 146 -0.28 -5.41 -3.90
N SER A 147 -0.03 -6.64 -4.32
CA SER A 147 -0.46 -6.98 -5.65
C SER A 147 -0.97 -8.40 -5.72
N ASP A 148 -1.40 -8.87 -4.56
CA ASP A 148 -1.94 -10.23 -4.53
C ASP A 148 -3.33 -10.30 -3.95
N SER A 149 -4.17 -9.28 -4.09
CA SER A 149 -5.46 -9.27 -3.41
C SER A 149 -6.59 -9.94 -4.19
N THR A 150 -7.38 -10.80 -3.56
CA THR A 150 -8.54 -11.33 -4.28
C THR A 150 -9.50 -11.77 -3.18
N SER A 151 -10.81 -11.79 -3.41
CA SER A 151 -11.73 -12.36 -2.43
C SER A 151 -12.79 -13.12 -3.26
N GLU A 152 -12.34 -13.65 -4.41
CA GLU A 152 -13.29 -14.27 -5.32
C GLU A 152 -14.08 -15.42 -4.71
N ILE A 153 -13.49 -16.19 -3.82
CA ILE A 153 -14.18 -17.31 -3.20
C ILE A 153 -15.24 -16.79 -2.24
N ASP A 154 -14.89 -15.78 -1.43
CA ASP A 154 -15.87 -15.14 -0.55
C ASP A 154 -16.99 -14.46 -1.33
N ASN A 155 -16.60 -13.77 -2.41
CA ASN A 155 -17.61 -13.18 -3.30
C ASN A 155 -18.68 -14.17 -3.65
N LEU A 156 -18.23 -15.36 -4.07
CA LEU A 156 -19.17 -16.39 -4.48
C LEU A 156 -20.08 -16.85 -3.35
N ALA A 157 -19.56 -17.03 -2.16
CA ALA A 157 -20.36 -17.36 -0.99
C ALA A 157 -21.34 -16.24 -0.67
N LEU A 158 -21.04 -14.98 -0.89
CA LEU A 158 -22.01 -13.91 -0.70
C LEU A 158 -23.11 -14.04 -1.78
N LEU A 159 -22.76 -14.22 -3.03
CA LEU A 159 -23.62 -14.27 -4.17
C LEU A 159 -24.66 -15.39 -3.96
N THR A 160 -24.17 -16.53 -3.53
CA THR A 160 -24.97 -17.71 -3.28
C THR A 160 -26.00 -17.40 -2.21
N ALA A 161 -25.59 -16.80 -1.10
CA ALA A 161 -26.48 -16.36 -0.05
C ALA A 161 -27.47 -15.33 -0.54
N LEU A 162 -27.10 -14.39 -1.37
CA LEU A 162 -28.09 -13.44 -1.86
C LEU A 162 -29.12 -14.14 -2.74
N LYS A 163 -28.75 -15.18 -3.46
CA LYS A 163 -29.57 -15.92 -4.39
C LYS A 163 -30.65 -16.68 -3.64
N ASP A 164 -30.30 -17.27 -2.50
CA ASP A 164 -31.19 -17.94 -1.62
C ASP A 164 -32.20 -16.97 -0.99
N LYS A 165 -31.76 -15.77 -0.62
CA LYS A 165 -32.64 -14.79 -0.02
C LYS A 165 -33.55 -14.17 -1.06
N TYR A 166 -33.08 -13.66 -2.18
CA TYR A 166 -33.88 -12.90 -3.08
C TYR A 166 -34.21 -13.60 -4.38
N GLY A 167 -33.81 -14.85 -4.48
CA GLY A 167 -34.07 -15.57 -5.74
C GLY A 167 -32.91 -15.33 -6.71
N VAL A 168 -32.75 -16.24 -7.65
CA VAL A 168 -31.74 -16.17 -8.69
C VAL A 168 -31.58 -14.86 -9.41
N SER A 169 -32.46 -14.24 -10.15
CA SER A 169 -32.12 -13.02 -10.91
C SER A 169 -31.83 -11.82 -10.02
N GLN A 170 -32.71 -11.61 -9.03
CA GLN A 170 -32.55 -10.44 -8.16
C GLN A 170 -31.38 -10.57 -7.22
N GLY A 171 -30.96 -11.83 -6.98
CA GLY A 171 -29.81 -12.04 -6.11
C GLY A 171 -28.55 -11.45 -6.68
N MET A 172 -28.44 -11.65 -7.98
CA MET A 172 -27.43 -11.09 -8.84
C MET A 172 -27.50 -9.57 -8.88
N ALA A 173 -28.71 -9.04 -8.99
CA ALA A 173 -28.80 -7.58 -9.11
C ALA A 173 -28.41 -6.97 -7.76
N VAL A 174 -28.61 -7.63 -6.62
CA VAL A 174 -28.21 -7.09 -5.34
C VAL A 174 -26.69 -7.17 -5.14
N PHE A 175 -26.07 -8.26 -5.54
CA PHE A 175 -24.65 -8.44 -5.73
C PHE A 175 -24.08 -7.31 -6.56
N ASN A 176 -24.74 -6.86 -7.62
CA ASN A 176 -24.13 -5.77 -8.38
C ASN A 176 -24.35 -4.45 -7.66
N GLN A 177 -25.27 -4.41 -6.70
CA GLN A 177 -25.49 -3.18 -5.97
C GLN A 177 -24.40 -2.98 -4.89
N LEU A 178 -23.94 -4.10 -4.36
CA LEU A 178 -22.99 -4.13 -3.26
C LEU A 178 -21.53 -4.14 -3.69
N LYS A 179 -21.24 -4.91 -4.72
CA LYS A 179 -19.91 -5.05 -5.31
C LYS A 179 -20.04 -4.78 -6.80
N TRP A 180 -20.23 -3.56 -7.20
CA TRP A 180 -20.39 -3.23 -8.62
C TRP A 180 -19.08 -3.51 -9.33
N LEU A 181 -19.04 -3.79 -10.62
CA LEU A 181 -17.80 -3.95 -11.35
C LEU A 181 -17.16 -2.59 -11.59
N VAL A 182 -17.91 -1.62 -12.09
CA VAL A 182 -17.49 -0.25 -12.29
C VAL A 182 -18.62 0.71 -11.90
N ASN A 183 -18.28 1.95 -11.58
CA ASN A 183 -19.22 2.97 -11.16
C ASN A 183 -18.69 4.20 -11.88
N PRO A 184 -19.48 4.72 -12.80
CA PRO A 184 -19.08 5.79 -13.66
C PRO A 184 -18.92 7.06 -12.89
N SER A 185 -19.47 7.20 -11.68
CA SER A 185 -19.23 8.49 -11.04
C SER A 185 -17.94 8.46 -10.21
N ALA A 186 -17.16 7.39 -10.11
CA ALA A 186 -15.92 7.48 -9.32
C ALA A 186 -14.95 8.55 -9.80
N PRO A 187 -14.47 9.38 -8.91
CA PRO A 187 -13.38 10.35 -9.16
C PRO A 187 -12.14 9.63 -9.71
N THR A 188 -11.57 10.09 -10.79
CA THR A 188 -10.45 9.35 -11.44
C THR A 188 -9.18 10.17 -11.48
N THR A 189 -8.00 9.58 -11.46
CA THR A 189 -6.75 10.36 -11.59
C THR A 189 -6.63 10.92 -13.01
N ILE A 190 -7.12 10.20 -14.02
CA ILE A 190 -7.10 10.77 -15.37
C ILE A 190 -8.47 11.36 -15.72
N ALA A 191 -8.56 12.59 -16.16
CA ALA A 191 -9.84 13.20 -16.54
C ALA A 191 -10.45 12.51 -17.74
N VAL A 192 -11.78 12.47 -17.85
CA VAL A 192 -12.36 11.81 -19.02
C VAL A 192 -11.92 12.44 -20.34
N GLN A 193 -11.65 13.77 -20.32
CA GLN A 193 -11.28 14.44 -21.57
C GLN A 193 -10.08 13.83 -22.22
N GLU A 194 -9.21 13.26 -21.37
CA GLU A 194 -7.99 12.63 -21.88
C GLU A 194 -8.20 11.23 -22.34
N SER A 195 -8.82 10.33 -21.58
CA SER A 195 -9.24 9.05 -22.16
C SER A 195 -10.04 8.24 -21.19
N ASN A 196 -10.64 7.17 -21.72
CA ASN A 196 -11.25 6.18 -20.84
C ASN A 196 -10.86 4.78 -21.21
N TYR A 197 -10.93 3.87 -20.22
CA TYR A 197 -10.66 2.46 -20.50
C TYR A 197 -11.57 1.91 -21.55
N PRO A 198 -10.98 1.24 -22.51
CA PRO A 198 -11.69 0.66 -23.62
C PRO A 198 -12.40 -0.65 -23.39
N LEU A 199 -12.01 -1.47 -22.43
CA LEU A 199 -12.68 -2.76 -22.29
C LEU A 199 -14.00 -2.75 -21.56
N LYS A 200 -14.89 -3.67 -21.90
CA LYS A 200 -16.13 -3.85 -21.16
C LYS A 200 -16.16 -5.31 -20.70
N PHE A 201 -16.66 -5.52 -19.50
CA PHE A 201 -16.61 -6.86 -18.89
C PHE A 201 -18.00 -7.42 -18.62
N ASN A 202 -18.04 -8.75 -18.48
CA ASN A 202 -19.28 -9.37 -18.05
C ASN A 202 -19.56 -9.20 -16.56
N GLN A 203 -20.81 -8.79 -16.24
CA GLN A 203 -21.15 -8.69 -14.83
C GLN A 203 -22.41 -9.45 -14.49
N GLN A 204 -22.51 -10.67 -15.03
CA GLN A 204 -23.63 -11.55 -14.69
C GLN A 204 -23.15 -12.91 -14.25
N ASN A 205 -21.83 -13.01 -14.05
CA ASN A 205 -21.19 -14.27 -13.77
C ASN A 205 -21.50 -15.32 -14.81
N SER A 206 -21.33 -14.91 -16.08
CA SER A 206 -21.67 -15.78 -17.22
C SER A 206 -20.93 -17.09 -17.38
N GLN A 207 -19.88 -17.33 -16.63
CA GLN A 207 -19.06 -18.54 -16.57
C GLN A 207 -19.77 -19.64 -15.81
N THR A 208 -21.00 -19.54 -15.32
CA THR A 208 -21.64 -20.68 -14.66
C THR A 208 -22.73 -21.33 -15.52
N SER B 1 -2.08 5.32 0.31
CA SER B 1 -0.93 6.13 -0.18
C SER B 1 -1.39 7.26 -1.05
N ASN B 2 -0.85 8.44 -0.88
CA ASN B 2 -1.25 9.44 -1.85
C ASN B 2 -0.07 10.17 -2.42
N MET B 3 -0.34 11.00 -3.41
CA MET B 3 0.59 11.59 -4.32
C MET B 3 -0.14 12.76 -4.96
N TRP B 4 0.55 13.88 -5.04
CA TRP B 4 0.13 14.96 -5.90
C TRP B 4 1.37 15.43 -6.72
N VAL B 5 1.17 15.57 -8.02
CA VAL B 5 2.25 16.08 -8.88
C VAL B 5 1.75 17.34 -9.57
N ILE B 6 2.46 18.44 -9.46
CA ILE B 6 2.12 19.74 -9.99
C ILE B 6 3.07 20.16 -11.12
N GLY B 7 2.48 20.36 -12.31
CA GLY B 7 3.28 20.68 -13.49
C GLY B 7 3.52 22.17 -13.65
N LYS B 8 4.19 22.55 -14.73
CA LYS B 8 4.49 23.91 -15.15
C LYS B 8 3.36 24.91 -15.01
N SER B 9 2.16 24.63 -15.46
CA SER B 9 1.05 25.58 -15.47
C SER B 9 0.41 25.75 -14.10
N LYS B 10 0.70 24.89 -13.13
CA LYS B 10 0.15 25.05 -11.79
C LYS B 10 1.21 25.39 -10.76
N ALA B 11 2.49 25.28 -11.12
CA ALA B 11 3.54 25.51 -10.12
C ALA B 11 3.90 26.99 -9.99
N GLN B 12 4.23 27.49 -8.83
CA GLN B 12 4.64 28.86 -8.60
C GLN B 12 6.08 28.82 -8.10
N ASP B 13 7.01 29.50 -8.74
CA ASP B 13 8.43 29.54 -8.40
C ASP B 13 9.19 28.26 -8.66
N ALA B 14 8.73 27.43 -9.60
CA ALA B 14 9.38 26.19 -9.96
C ALA B 14 8.64 25.68 -11.20
N LYS B 15 9.19 24.70 -11.88
CA LYS B 15 8.48 24.18 -13.05
C LYS B 15 7.69 22.93 -12.65
N ALA B 16 8.16 22.22 -11.63
CA ALA B 16 7.48 20.99 -11.26
C ALA B 16 7.65 20.68 -9.79
N ILE B 17 6.62 20.12 -9.17
CA ILE B 17 6.68 19.75 -7.75
C ILE B 17 5.99 18.39 -7.54
N MET B 18 6.70 17.44 -6.93
CA MET B 18 6.15 16.14 -6.64
C MET B 18 6.13 15.87 -5.15
N VAL B 19 4.95 15.54 -4.58
CA VAL B 19 4.87 15.22 -3.15
C VAL B 19 4.26 13.84 -2.98
N ASN B 20 4.93 12.92 -2.30
CA ASN B 20 4.48 11.56 -2.21
C ASN B 20 4.37 11.11 -0.76
N GLY B 21 3.31 10.42 -0.37
CA GLY B 21 3.09 9.90 0.96
C GLY B 21 2.60 8.46 0.88
N PRO B 22 3.53 7.54 0.67
CA PRO B 22 3.26 6.11 0.58
C PRO B 22 2.75 5.64 1.94
N GLN B 23 1.66 4.89 2.06
CA GLN B 23 1.12 4.57 3.39
C GLN B 23 1.30 3.12 3.67
N PHE B 24 2.26 2.73 4.48
CA PHE B 24 2.56 1.34 4.69
C PHE B 24 2.22 0.94 6.11
N GLY B 25 1.73 1.84 6.94
CA GLY B 25 1.67 1.62 8.42
C GLY B 25 2.92 2.30 9.04
N TRP B 26 3.13 2.30 10.35
CA TRP B 26 4.25 2.96 11.01
C TRP B 26 5.05 2.02 11.93
N TYR B 27 6.35 1.95 11.72
CA TYR B 27 7.22 0.93 12.29
C TYR B 27 8.52 1.43 12.88
N ALA B 28 9.15 0.59 13.72
CA ALA B 28 10.45 0.98 14.30
C ALA B 28 11.27 -0.30 14.17
N PRO B 29 12.40 -0.29 13.50
CA PRO B 29 12.92 0.84 12.77
C PRO B 29 12.09 1.09 11.51
N ALA B 30 12.29 2.21 10.88
CA ALA B 30 11.64 2.75 9.75
C ALA B 30 11.51 1.75 8.59
N TYR B 31 10.33 1.92 7.95
CA TYR B 31 9.89 1.04 6.90
C TYR B 31 10.76 1.32 5.68
N THR B 32 11.15 2.54 5.42
CA THR B 32 12.01 2.83 4.29
C THR B 32 13.45 3.14 4.73
N TYR B 33 14.33 3.09 3.74
CA TYR B 33 15.79 3.24 3.93
C TYR B 33 16.42 4.28 3.04
N GLY B 34 17.03 5.36 3.52
CA GLY B 34 17.61 6.40 2.68
C GLY B 34 18.97 5.97 2.10
N ILE B 35 19.22 6.28 0.82
CA ILE B 35 20.42 5.81 0.12
C ILE B 35 20.67 6.64 -1.13
N GLY B 36 21.92 6.98 -1.40
CA GLY B 36 22.36 7.73 -2.59
C GLY B 36 23.33 6.78 -3.32
N LEU B 37 23.20 6.69 -4.64
CA LEU B 37 24.04 5.86 -5.48
C LEU B 37 24.70 6.64 -6.59
N HIS B 38 26.04 6.64 -6.59
CA HIS B 38 26.74 7.38 -7.62
C HIS B 38 27.79 6.55 -8.34
N GLY B 39 27.43 6.11 -9.55
CA GLY B 39 28.37 5.31 -10.35
C GLY B 39 27.67 4.23 -11.15
N ALA B 40 28.42 3.74 -12.15
CA ALA B 40 27.96 2.74 -13.11
C ALA B 40 26.75 3.22 -13.87
N GLY B 41 26.57 4.49 -14.21
CA GLY B 41 25.40 4.95 -14.93
C GLY B 41 24.33 5.53 -14.01
N TYR B 42 24.43 5.23 -12.70
CA TYR B 42 23.53 5.74 -11.70
C TYR B 42 23.95 7.01 -10.99
N ASP B 43 23.04 7.95 -10.75
CA ASP B 43 23.31 9.14 -9.97
C ASP B 43 22.05 9.57 -9.23
N VAL B 44 21.71 8.85 -8.18
CA VAL B 44 20.38 8.99 -7.57
C VAL B 44 20.42 9.28 -6.07
N THR B 45 19.32 9.83 -5.58
CA THR B 45 19.11 10.06 -4.14
C THR B 45 17.64 9.84 -3.76
N GLY B 46 17.35 9.28 -2.58
CA GLY B 46 15.98 8.99 -2.16
C GLY B 46 15.88 8.00 -1.03
N ASN B 47 14.79 7.22 -0.95
CA ASN B 47 14.64 6.26 0.15
C ASN B 47 13.69 5.21 -0.42
N THR B 48 13.66 4.00 0.10
CA THR B 48 12.91 2.94 -0.50
C THR B 48 12.64 1.90 0.59
N PRO B 49 11.52 1.21 0.48
CA PRO B 49 11.09 0.23 1.44
C PRO B 49 12.07 -0.92 1.54
N PHE B 50 12.42 -1.40 2.74
CA PHE B 50 13.28 -2.54 2.91
C PHE B 50 14.56 -2.49 2.10
N ALA B 51 15.14 -1.32 1.86
CA ALA B 51 16.35 -1.12 1.10
C ALA B 51 16.38 -1.93 -0.20
N TYR B 52 15.29 -2.01 -0.97
CA TYR B 52 15.32 -2.68 -2.27
C TYR B 52 16.50 -2.08 -3.07
N PRO B 53 17.03 -2.86 -4.00
CA PRO B 53 17.99 -2.38 -4.99
C PRO B 53 17.47 -1.18 -5.73
N GLY B 54 16.19 -1.20 -6.20
CA GLY B 54 15.67 0.03 -6.84
C GLY B 54 14.98 0.96 -5.81
N LEU B 55 15.16 2.25 -5.94
CA LEU B 55 14.57 3.25 -5.09
C LEU B 55 13.14 3.55 -5.56
N VAL B 56 12.18 3.28 -4.66
CA VAL B 56 10.79 3.60 -5.06
C VAL B 56 10.56 5.09 -5.00
N PHE B 57 11.27 5.87 -4.16
CA PHE B 57 11.02 7.30 -4.08
C PHE B 57 12.30 8.11 -4.22
N GLY B 58 12.43 8.98 -5.21
CA GLY B 58 13.68 9.71 -5.35
C GLY B 58 13.82 10.40 -6.70
N HIS B 59 15.05 10.86 -6.98
CA HIS B 59 15.32 11.47 -8.28
C HIS B 59 16.78 11.39 -8.68
N ASN B 60 17.04 11.65 -9.96
CA ASN B 60 18.41 11.52 -10.44
C ASN B 60 18.94 12.80 -11.07
N GLY B 61 18.41 13.94 -10.57
CA GLY B 61 18.86 15.23 -11.10
C GLY B 61 18.11 15.67 -12.33
N VAL B 62 17.47 14.78 -13.10
CA VAL B 62 16.74 15.19 -14.28
C VAL B 62 15.24 14.92 -14.16
N ILE B 63 14.92 13.67 -13.78
CA ILE B 63 13.57 13.26 -13.52
C ILE B 63 13.38 12.85 -12.06
N SER B 64 12.12 12.80 -11.60
CA SER B 64 11.79 12.23 -10.30
C SER B 64 10.61 11.26 -10.42
N TRP B 65 10.48 10.31 -9.53
CA TRP B 65 9.46 9.28 -9.56
C TRP B 65 8.86 8.99 -8.17
N GLY B 66 7.74 8.29 -8.12
CA GLY B 66 7.00 8.01 -6.91
C GLY B 66 5.91 7.00 -7.29
N SER B 67 5.24 6.40 -6.34
CA SER B 67 4.32 5.30 -6.51
C SER B 67 3.15 5.40 -5.53
N THR B 68 2.02 4.77 -5.82
CA THR B 68 0.90 4.51 -4.92
C THR B 68 0.34 3.14 -5.31
N ALA B 69 -0.17 2.29 -4.45
CA ALA B 69 -0.73 0.98 -4.79
C ALA B 69 -1.85 1.12 -5.82
N GLY B 70 -1.91 0.30 -6.88
CA GLY B 70 -2.86 0.50 -7.93
C GLY B 70 -4.23 -0.15 -7.72
N PHE B 71 -4.32 -1.32 -7.17
CA PHE B 71 -5.57 -1.99 -6.90
C PHE B 71 -6.35 -2.34 -8.15
N GLY B 72 -5.65 -2.75 -9.20
CA GLY B 72 -6.39 -3.24 -10.37
C GLY B 72 -6.69 -4.70 -10.07
N ASP B 73 -7.46 -5.37 -10.88
CA ASP B 73 -7.75 -6.78 -10.67
C ASP B 73 -6.81 -7.60 -11.59
N ASP B 74 -5.76 -8.15 -10.91
CA ASP B 74 -4.77 -8.90 -11.68
C ASP B 74 -4.64 -10.32 -11.18
N VAL B 75 -5.55 -10.74 -10.32
CA VAL B 75 -5.56 -12.08 -9.77
C VAL B 75 -6.96 -12.68 -9.95
N ASP B 76 -7.12 -13.89 -10.46
CA ASP B 76 -8.42 -14.53 -10.63
C ASP B 76 -8.22 -15.95 -10.10
N ILE B 77 -9.26 -16.63 -9.71
CA ILE B 77 -9.18 -17.92 -9.05
C ILE B 77 -9.79 -18.97 -10.00
N PHE B 78 -9.10 -20.07 -10.21
CA PHE B 78 -9.54 -21.09 -11.14
C PHE B 78 -10.02 -22.30 -10.32
N ALA B 79 -11.27 -22.67 -10.57
CA ALA B 79 -11.85 -23.81 -9.82
C ALA B 79 -11.44 -25.06 -10.60
N GLU B 80 -10.53 -25.85 -10.06
CA GLU B 80 -9.99 -27.01 -10.74
C GLU B 80 -10.80 -28.26 -10.42
N ARG B 81 -11.09 -29.04 -11.47
CA ARG B 81 -11.83 -30.30 -11.37
C ARG B 81 -10.96 -31.47 -10.94
N LEU B 82 -11.08 -31.98 -9.74
CA LEU B 82 -10.34 -33.14 -9.28
C LEU B 82 -11.10 -34.43 -9.55
N SER B 83 -10.48 -35.55 -9.21
CA SER B 83 -11.06 -36.88 -9.35
C SER B 83 -10.75 -37.70 -8.09
N ALA B 84 -11.79 -38.30 -7.53
CA ALA B 84 -11.68 -39.14 -6.34
C ALA B 84 -10.67 -40.26 -6.52
N GLU B 85 -10.62 -40.84 -7.71
CA GLU B 85 -9.68 -41.88 -8.10
C GLU B 85 -8.65 -41.15 -8.95
N LYS B 86 -7.35 -41.36 -8.92
CA LYS B 86 -6.43 -40.56 -9.75
C LYS B 86 -6.23 -39.19 -9.12
N PRO B 87 -5.88 -39.19 -7.85
CA PRO B 87 -5.65 -37.99 -7.06
C PRO B 87 -4.30 -37.38 -7.36
N GLY B 88 -4.18 -36.06 -7.34
CA GLY B 88 -2.94 -35.39 -7.73
C GLY B 88 -2.99 -34.94 -9.18
N TYR B 89 -4.17 -35.10 -9.78
CA TYR B 89 -4.39 -34.81 -11.18
C TYR B 89 -5.57 -33.86 -11.30
N TYR B 90 -5.69 -33.22 -12.46
CA TYR B 90 -6.84 -32.33 -12.59
C TYR B 90 -7.12 -32.31 -14.08
N LEU B 91 -8.38 -32.10 -14.41
CA LEU B 91 -8.78 -32.03 -15.79
C LEU B 91 -8.37 -30.73 -16.44
N HIS B 92 -7.64 -30.80 -17.55
CA HIS B 92 -7.36 -29.56 -18.26
C HIS B 92 -7.35 -29.91 -19.75
N ASN B 93 -8.18 -29.24 -20.52
CA ASN B 93 -8.28 -29.43 -21.95
C ASN B 93 -8.33 -30.88 -22.37
N GLY B 94 -9.28 -31.59 -21.77
CA GLY B 94 -9.61 -32.94 -22.08
C GLY B 94 -8.64 -34.03 -21.69
N LYS B 95 -7.70 -33.79 -20.80
CA LYS B 95 -6.78 -34.83 -20.32
C LYS B 95 -6.61 -34.66 -18.81
N TRP B 96 -6.17 -35.70 -18.12
CA TRP B 96 -5.95 -35.59 -16.67
C TRP B 96 -4.47 -35.27 -16.45
N VAL B 97 -4.18 -34.01 -16.17
CA VAL B 97 -2.84 -33.50 -15.92
C VAL B 97 -2.38 -33.61 -14.47
N LYS B 98 -1.13 -33.99 -14.26
CA LYS B 98 -0.55 -34.10 -12.94
C LYS B 98 -0.14 -32.71 -12.43
N MET B 99 -0.35 -32.56 -11.13
CA MET B 99 -0.03 -31.34 -10.42
C MET B 99 1.47 -31.32 -10.10
N LEU B 100 2.09 -30.16 -10.05
CA LEU B 100 3.37 -29.96 -9.41
C LEU B 100 3.12 -30.02 -7.90
N SER B 101 4.08 -30.51 -7.11
CA SER B 101 3.98 -30.63 -5.68
C SER B 101 5.37 -30.56 -5.04
N ARG B 102 5.50 -30.08 -3.80
CA ARG B 102 6.80 -29.92 -3.17
C ARG B 102 6.53 -30.16 -1.69
N GLU B 103 7.45 -30.74 -0.95
CA GLU B 103 7.28 -30.97 0.46
C GLU B 103 8.05 -29.91 1.25
N GLU B 104 7.49 -29.42 2.34
CA GLU B 104 8.14 -28.41 3.16
C GLU B 104 8.23 -28.84 4.63
N THR B 105 9.34 -28.56 5.29
CA THR B 105 9.51 -28.91 6.69
C THR B 105 9.75 -27.57 7.40
N ILE B 106 8.90 -27.36 8.40
CA ILE B 106 8.97 -26.18 9.22
C ILE B 106 9.74 -26.61 10.48
N THR B 107 10.94 -26.12 10.69
CA THR B 107 11.70 -26.36 11.91
C THR B 107 11.12 -25.38 12.93
N VAL B 108 10.97 -25.80 14.17
CA VAL B 108 10.38 -25.04 15.26
C VAL B 108 11.29 -24.97 16.48
N LYS B 109 11.63 -23.79 16.95
CA LYS B 109 12.49 -23.67 18.12
C LYS B 109 11.78 -24.25 19.33
N ASN B 110 12.34 -25.22 20.04
CA ASN B 110 11.74 -25.85 21.21
C ASN B 110 10.42 -26.52 20.86
N GLY B 111 10.35 -27.13 19.69
CA GLY B 111 9.18 -27.94 19.35
C GLY B 111 9.58 -28.98 18.33
N GLN B 112 8.66 -29.80 17.91
CA GLN B 112 8.81 -30.77 16.84
C GLN B 112 8.63 -30.12 15.46
N ALA B 113 9.33 -30.54 14.43
CA ALA B 113 9.22 -30.03 13.09
C ALA B 113 7.92 -30.49 12.43
N GLU B 114 7.39 -29.71 11.52
CA GLU B 114 6.15 -30.00 10.82
C GLU B 114 6.37 -29.96 9.31
N THR B 115 5.79 -30.97 8.67
CA THR B 115 5.96 -31.08 7.23
C THR B 115 4.57 -31.15 6.58
N PHE B 116 4.51 -30.51 5.43
CA PHE B 116 3.26 -30.44 4.68
C PHE B 116 3.68 -30.31 3.22
N THR B 117 2.69 -30.44 2.36
CA THR B 117 2.87 -30.32 0.92
C THR B 117 2.16 -29.15 0.29
N VAL B 118 2.78 -28.52 -0.71
CA VAL B 118 2.25 -27.42 -1.48
C VAL B 118 2.00 -27.90 -2.89
N TRP B 119 0.84 -27.68 -3.46
CA TRP B 119 0.37 -28.11 -4.75
C TRP B 119 0.20 -26.93 -5.69
N ARG B 120 0.44 -27.19 -6.96
CA ARG B 120 0.40 -26.19 -8.01
C ARG B 120 -0.05 -26.79 -9.34
N THR B 121 -0.86 -26.06 -10.08
CA THR B 121 -1.40 -26.49 -11.35
C THR B 121 -0.88 -25.47 -12.35
N VAL B 122 -1.33 -25.61 -13.58
CA VAL B 122 -0.98 -24.61 -14.61
C VAL B 122 -1.44 -23.21 -14.24
N HIS B 123 -2.47 -23.06 -13.39
CA HIS B 123 -3.05 -21.77 -13.06
C HIS B 123 -2.37 -21.12 -11.87
N GLY B 124 -1.77 -21.88 -10.97
CA GLY B 124 -1.03 -21.35 -9.84
C GLY B 124 -1.07 -22.30 -8.65
N ASN B 125 -0.67 -21.81 -7.47
CA ASN B 125 -0.71 -22.59 -6.25
C ASN B 125 -2.16 -22.79 -5.82
N ILE B 126 -2.45 -23.98 -5.31
CA ILE B 126 -3.77 -24.30 -4.76
C ILE B 126 -3.95 -23.64 -3.40
N LEU B 127 -4.94 -22.81 -3.28
CA LEU B 127 -5.34 -22.11 -2.06
C LEU B 127 -6.10 -23.03 -1.11
N GLN B 128 -7.13 -23.65 -1.65
CA GLN B 128 -8.01 -24.51 -0.90
C GLN B 128 -8.69 -25.52 -1.81
N THR B 129 -9.13 -26.63 -1.20
CA THR B 129 -9.81 -27.67 -1.98
C THR B 129 -11.13 -28.02 -1.29
N ASP B 130 -12.08 -28.43 -2.10
CA ASP B 130 -13.39 -28.88 -1.73
C ASP B 130 -13.65 -30.31 -2.13
N GLN B 131 -13.21 -31.21 -1.25
CA GLN B 131 -13.32 -32.63 -1.53
C GLN B 131 -14.76 -33.06 -1.73
N THR B 132 -15.74 -32.49 -1.03
CA THR B 132 -17.12 -32.75 -1.34
C THR B 132 -17.44 -32.46 -2.80
N THR B 133 -17.03 -31.31 -3.35
CA THR B 133 -17.31 -31.09 -4.77
C THR B 133 -16.17 -31.55 -5.68
N GLN B 134 -15.07 -32.02 -5.08
CA GLN B 134 -13.85 -32.39 -5.80
C GLN B 134 -13.42 -31.18 -6.65
N THR B 135 -13.26 -30.07 -5.97
CA THR B 135 -12.87 -28.81 -6.57
C THR B 135 -11.67 -28.29 -5.79
N ALA B 136 -10.70 -27.76 -6.48
CA ALA B 136 -9.53 -27.18 -5.77
C ALA B 136 -9.38 -25.78 -6.34
N TYR B 137 -9.06 -24.79 -5.52
CA TYR B 137 -8.95 -23.44 -6.10
C TYR B 137 -7.48 -23.09 -6.30
N ALA B 138 -7.19 -22.55 -7.48
CA ALA B 138 -5.85 -22.14 -7.82
C ALA B 138 -5.84 -20.62 -7.95
N LYS B 139 -4.85 -20.01 -7.31
CA LYS B 139 -4.80 -18.54 -7.43
C LYS B 139 -3.91 -18.20 -8.61
N SER B 140 -4.40 -17.49 -9.60
CA SER B 140 -3.65 -17.16 -10.78
C SER B 140 -3.36 -15.68 -10.83
N ARG B 141 -2.07 -15.32 -10.79
CA ARG B 141 -1.60 -13.96 -10.85
C ARG B 141 -1.16 -13.62 -12.26
N ALA B 142 -1.45 -12.44 -12.77
CA ALA B 142 -1.00 -12.04 -14.06
C ALA B 142 0.51 -11.75 -14.04
N TRP B 143 1.16 -11.53 -12.91
CA TRP B 143 2.57 -11.20 -12.83
C TRP B 143 3.39 -12.45 -12.54
N ASP B 144 2.75 -13.61 -12.46
CA ASP B 144 3.51 -14.83 -12.12
C ASP B 144 4.68 -15.01 -13.09
N GLY B 145 5.91 -15.25 -12.65
CA GLY B 145 7.01 -15.40 -13.59
C GLY B 145 7.68 -14.10 -13.93
N LYS B 146 7.27 -12.95 -13.40
CA LYS B 146 7.78 -11.65 -13.71
C LYS B 146 8.14 -10.88 -12.44
N GLU B 147 8.32 -11.53 -11.33
CA GLU B 147 8.68 -10.91 -10.06
C GLU B 147 10.04 -10.24 -10.18
N VAL B 148 11.01 -11.02 -10.66
CA VAL B 148 12.39 -10.49 -10.75
C VAL B 148 12.47 -9.38 -11.76
N ALA B 149 11.78 -9.51 -12.90
CA ALA B 149 11.80 -8.42 -13.90
C ALA B 149 11.20 -7.14 -13.35
N SER B 150 10.18 -7.26 -12.45
CA SER B 150 9.58 -6.06 -11.86
C SER B 150 10.51 -5.29 -10.95
N LEU B 151 11.28 -6.00 -10.12
CA LEU B 151 12.35 -5.51 -9.28
C LEU B 151 13.39 -4.74 -10.12
N LEU B 152 13.80 -5.35 -11.24
CA LEU B 152 14.78 -4.76 -12.14
C LEU B 152 14.21 -3.57 -12.86
N ALA B 153 12.92 -3.63 -13.25
CA ALA B 153 12.39 -2.40 -13.89
C ALA B 153 12.50 -1.22 -12.92
N TRP B 154 12.22 -1.44 -11.64
CA TRP B 154 12.24 -0.38 -10.63
C TRP B 154 13.67 0.12 -10.40
N THR B 155 14.65 -0.73 -10.64
CA THR B 155 16.04 -0.27 -10.60
C THR B 155 16.46 0.52 -11.84
N HIS B 156 16.20 -0.07 -13.04
CA HIS B 156 16.68 0.52 -14.26
C HIS B 156 16.07 1.89 -14.55
N GLN B 157 14.79 2.05 -14.15
CA GLN B 157 14.13 3.33 -14.37
C GLN B 157 14.82 4.47 -13.65
N MET B 158 15.62 4.19 -12.62
CA MET B 158 16.39 5.30 -12.03
C MET B 158 17.38 5.92 -13.01
N LYS B 159 17.78 5.23 -14.09
CA LYS B 159 18.61 5.86 -15.10
C LYS B 159 17.92 6.67 -16.20
N ALA B 160 16.63 6.61 -16.37
CA ALA B 160 15.90 7.31 -17.41
C ALA B 160 16.11 8.81 -17.33
N LYS B 161 16.10 9.45 -18.49
CA LYS B 161 16.30 10.89 -18.52
C LYS B 161 15.15 11.62 -19.14
N ASN B 162 14.15 10.82 -19.60
CA ASN B 162 12.91 11.43 -20.04
C ASN B 162 11.77 10.43 -20.16
N TRP B 163 10.59 10.96 -20.50
CA TRP B 163 9.37 10.15 -20.54
C TRP B 163 9.52 8.85 -21.36
N GLN B 164 10.09 8.96 -22.55
CA GLN B 164 10.21 7.79 -23.44
C GLN B 164 11.04 6.73 -22.77
N GLN B 165 12.17 7.10 -22.17
CA GLN B 165 12.99 6.07 -21.53
C GLN B 165 12.34 5.52 -20.26
N TRP B 166 11.73 6.43 -19.50
CA TRP B 166 11.00 5.98 -18.32
C TRP B 166 9.86 5.04 -18.63
N THR B 167 9.02 5.33 -19.66
CA THR B 167 7.91 4.40 -19.92
C THR B 167 8.36 3.05 -20.41
N GLN B 168 9.57 2.98 -20.98
CA GLN B 168 9.98 1.65 -21.39
C GLN B 168 10.21 0.74 -20.20
N GLN B 169 10.64 1.34 -19.08
CA GLN B 169 10.80 0.57 -17.87
C GLN B 169 9.49 0.38 -17.13
N ALA B 170 8.56 1.30 -17.27
CA ALA B 170 7.24 1.15 -16.69
C ALA B 170 6.51 0.02 -17.37
N ALA B 171 6.80 -0.22 -18.66
CA ALA B 171 6.14 -1.35 -19.34
C ALA B 171 6.58 -2.70 -18.82
N LYS B 172 7.69 -2.80 -18.09
CA LYS B 172 8.20 -4.07 -17.62
C LYS B 172 7.83 -4.35 -16.19
N GLN B 173 7.36 -3.29 -15.50
CA GLN B 173 6.91 -3.48 -14.12
C GLN B 173 5.56 -4.17 -14.04
N ALA B 174 5.43 -5.37 -13.57
CA ALA B 174 4.25 -6.16 -13.76
C ALA B 174 3.24 -6.11 -12.60
N LEU B 175 3.53 -5.51 -11.46
CA LEU B 175 2.67 -5.50 -10.29
C LEU B 175 1.65 -4.37 -10.42
N THR B 176 0.43 -4.52 -9.87
CA THR B 176 -0.51 -3.41 -10.01
C THR B 176 -0.13 -2.18 -9.18
N ILE B 177 0.66 -1.25 -9.70
CA ILE B 177 1.18 -0.09 -9.05
C ILE B 177 1.02 1.16 -9.91
N ASN B 178 0.69 2.29 -9.32
CA ASN B 178 0.64 3.56 -10.01
C ASN B 178 2.06 4.17 -9.96
N TRP B 179 2.59 4.64 -11.07
CA TRP B 179 3.92 5.22 -11.17
C TRP B 179 3.77 6.67 -11.60
N TYR B 180 4.60 7.56 -11.10
CA TYR B 180 4.46 8.99 -11.38
C TYR B 180 5.85 9.53 -11.78
N TYR B 181 5.84 10.57 -12.60
CA TYR B 181 6.97 11.14 -13.27
C TYR B 181 6.98 12.64 -13.19
N ALA B 182 8.12 13.27 -12.96
CA ALA B 182 8.22 14.71 -13.12
C ALA B 182 9.62 15.02 -13.67
N ASP B 183 9.86 16.17 -14.31
CA ASP B 183 11.22 16.39 -14.81
C ASP B 183 11.67 17.83 -14.70
N VAL B 184 12.96 18.10 -15.00
CA VAL B 184 13.51 19.43 -14.93
C VAL B 184 12.85 20.44 -15.88
N ASN B 185 12.18 19.98 -16.92
CA ASN B 185 11.51 20.90 -17.82
C ASN B 185 10.05 21.14 -17.41
N GLY B 186 9.54 20.47 -16.36
CA GLY B 186 8.18 20.78 -15.95
C GLY B 186 7.18 19.84 -16.57
N ASN B 187 7.54 18.77 -17.24
CA ASN B 187 6.66 17.74 -17.71
C ASN B 187 6.25 16.82 -16.55
N ILE B 188 5.04 16.29 -16.57
CA ILE B 188 4.60 15.42 -15.48
C ILE B 188 3.83 14.27 -16.12
N GLY B 189 3.84 13.09 -15.55
CA GLY B 189 3.12 11.97 -16.12
C GLY B 189 2.75 10.92 -15.07
N TYR B 190 1.92 9.99 -15.51
CA TYR B 190 1.35 8.95 -14.70
C TYR B 190 1.05 7.72 -15.52
N VAL B 191 1.35 6.55 -14.98
CA VAL B 191 1.06 5.29 -15.60
C VAL B 191 0.51 4.39 -14.47
N HIS B 192 -0.58 3.71 -14.73
CA HIS B 192 -1.10 2.64 -13.91
C HIS B 192 -0.45 1.39 -14.52
N THR B 193 0.68 1.04 -13.90
CA THR B 193 1.47 -0.07 -14.43
C THR B 193 0.86 -1.43 -14.11
N GLY B 194 1.34 -2.48 -14.75
CA GLY B 194 1.21 -3.84 -14.40
C GLY B 194 0.70 -4.68 -15.54
N ALA B 195 0.73 -5.97 -15.39
CA ALA B 195 0.25 -6.99 -16.28
C ALA B 195 -1.21 -7.34 -15.93
N TYR B 196 -2.15 -7.22 -16.85
CA TYR B 196 -3.58 -7.51 -16.67
C TYR B 196 -3.93 -8.60 -17.68
N PRO B 197 -4.70 -9.58 -17.30
CA PRO B 197 -5.13 -10.68 -18.13
C PRO B 197 -6.03 -10.29 -19.29
N ASP B 198 -5.95 -11.05 -20.38
CA ASP B 198 -6.82 -10.82 -21.52
C ASP B 198 -7.90 -11.91 -21.41
N ARG B 199 -9.03 -11.51 -20.80
CA ARG B 199 -9.98 -12.56 -20.42
C ARG B 199 -10.91 -12.92 -21.58
N GLN B 200 -11.39 -14.14 -21.57
CA GLN B 200 -12.40 -14.61 -22.51
C GLN B 200 -13.73 -13.88 -22.29
N SER B 201 -14.49 -13.65 -23.35
CA SER B 201 -15.83 -13.09 -23.30
C SER B 201 -16.75 -13.81 -22.31
N GLY B 202 -17.41 -12.97 -21.49
CA GLY B 202 -18.30 -13.50 -20.46
C GLY B 202 -17.71 -13.93 -19.14
N HIS B 203 -16.42 -13.74 -18.94
CA HIS B 203 -15.72 -13.97 -17.70
C HIS B 203 -16.00 -12.81 -16.74
N ASP B 204 -16.72 -13.02 -15.65
CA ASP B 204 -16.96 -11.94 -14.68
C ASP B 204 -15.79 -11.99 -13.70
N PRO B 205 -14.93 -10.99 -13.63
CA PRO B 205 -13.67 -11.07 -12.89
C PRO B 205 -13.79 -11.04 -11.39
N ARG B 206 -14.99 -10.93 -10.82
CA ARG B 206 -15.25 -10.88 -9.41
C ARG B 206 -15.51 -12.24 -8.83
N LEU B 207 -15.61 -13.26 -9.66
CA LEU B 207 -15.98 -14.60 -9.17
C LEU B 207 -15.13 -15.66 -9.83
N PRO B 208 -14.97 -16.83 -9.27
CA PRO B 208 -14.17 -17.90 -9.80
C PRO B 208 -14.55 -18.39 -11.18
N VAL B 209 -13.63 -18.94 -11.95
CA VAL B 209 -13.94 -19.56 -13.24
C VAL B 209 -13.46 -21.01 -13.18
N PRO B 210 -14.15 -21.87 -13.90
CA PRO B 210 -13.80 -23.28 -14.01
C PRO B 210 -12.37 -23.39 -14.56
N GLY B 211 -11.54 -24.25 -14.02
CA GLY B 211 -10.18 -24.37 -14.58
C GLY B 211 -10.00 -25.47 -15.63
N THR B 212 -11.07 -25.95 -16.26
CA THR B 212 -10.99 -27.09 -17.16
C THR B 212 -10.50 -26.72 -18.54
N GLY B 213 -10.32 -25.45 -18.92
CA GLY B 213 -9.76 -25.09 -20.19
C GLY B 213 -10.36 -23.99 -21.00
N LYS B 214 -11.69 -23.90 -21.03
CA LYS B 214 -12.40 -22.92 -21.83
C LYS B 214 -12.36 -21.54 -21.24
N TRP B 215 -12.07 -21.40 -19.94
CA TRP B 215 -12.04 -20.04 -19.36
C TRP B 215 -10.63 -19.48 -19.21
N ASP B 216 -9.61 -20.25 -19.63
CA ASP B 216 -8.24 -19.83 -19.49
C ASP B 216 -8.06 -18.46 -20.12
N TRP B 217 -7.24 -17.62 -19.51
CA TRP B 217 -6.92 -16.32 -20.09
C TRP B 217 -6.32 -16.53 -21.48
N LYS B 218 -6.45 -15.56 -22.34
CA LYS B 218 -5.95 -15.64 -23.70
C LYS B 218 -4.48 -15.20 -23.74
N GLY B 219 -4.10 -14.38 -22.76
CA GLY B 219 -2.76 -13.83 -22.68
C GLY B 219 -2.88 -12.63 -21.74
N LEU B 220 -2.05 -11.63 -21.93
CA LEU B 220 -1.98 -10.43 -21.13
C LEU B 220 -2.30 -9.25 -22.06
N LEU B 221 -2.94 -8.22 -21.58
CA LEU B 221 -3.26 -7.10 -22.46
C LEU B 221 -1.95 -6.38 -22.70
N PRO B 222 -1.85 -5.64 -23.77
CA PRO B 222 -0.66 -4.91 -24.13
C PRO B 222 -0.55 -3.74 -23.17
N PHE B 223 0.63 -3.11 -23.11
CA PHE B 223 0.89 -1.89 -22.42
C PHE B 223 0.13 -0.70 -22.97
N GLU B 224 -0.26 -0.70 -24.23
CA GLU B 224 -1.05 0.43 -24.77
C GLU B 224 -2.39 0.47 -23.99
N MET B 225 -2.95 -0.63 -23.47
CA MET B 225 -4.16 -0.53 -22.67
C MET B 225 -3.99 0.06 -21.27
N ASN B 226 -2.79 0.13 -20.71
CA ASN B 226 -2.63 0.61 -19.35
C ASN B 226 -2.98 2.08 -19.30
N PRO B 227 -3.90 2.47 -18.42
CA PRO B 227 -4.24 3.87 -18.21
C PRO B 227 -2.96 4.68 -18.02
N LYS B 228 -2.85 5.84 -18.64
CA LYS B 228 -1.64 6.63 -18.58
C LYS B 228 -1.92 8.03 -19.12
N VAL B 229 -1.25 9.07 -18.69
CA VAL B 229 -1.52 10.41 -19.16
C VAL B 229 -0.19 11.17 -19.01
N TYR B 230 0.07 12.10 -19.91
CA TYR B 230 1.30 12.86 -19.91
C TYR B 230 0.92 14.32 -20.03
N ASN B 231 1.46 15.21 -19.17
CA ASN B 231 1.04 16.60 -19.25
C ASN B 231 -0.45 16.78 -19.45
N PRO B 232 -1.25 16.35 -18.47
CA PRO B 232 -2.69 16.49 -18.36
C PRO B 232 -3.13 17.93 -18.49
N GLN B 233 -4.33 18.12 -19.09
CA GLN B 233 -4.88 19.46 -19.25
C GLN B 233 -5.01 20.21 -17.94
N SER B 234 -5.30 19.43 -16.87
CA SER B 234 -5.54 20.06 -15.56
C SER B 234 -4.32 20.72 -14.97
N GLY B 235 -3.09 20.31 -15.27
CA GLY B 235 -1.94 20.92 -14.62
C GLY B 235 -1.48 20.04 -13.44
N TYR B 236 -2.20 18.97 -13.11
CA TYR B 236 -1.77 18.20 -11.95
C TYR B 236 -2.26 16.77 -12.00
N ILE B 237 -1.58 15.89 -11.27
CA ILE B 237 -1.97 14.50 -11.10
C ILE B 237 -2.13 14.17 -9.60
N ALA B 238 -3.30 13.68 -9.20
CA ALA B 238 -3.51 13.34 -7.79
C ALA B 238 -4.12 11.98 -7.64
N ASN B 239 -3.60 11.26 -6.65
CA ASN B 239 -4.12 9.95 -6.39
C ASN B 239 -4.07 9.59 -4.93
N TRP B 240 -5.19 9.03 -4.44
CA TRP B 240 -5.16 8.43 -3.13
C TRP B 240 -5.72 7.00 -3.15
N ASN B 241 -5.25 6.25 -4.13
CA ASN B 241 -5.71 4.87 -4.34
C ASN B 241 -7.10 4.79 -4.96
N ASN B 242 -7.53 5.87 -5.61
CA ASN B 242 -8.77 5.98 -6.32
C ASN B 242 -8.51 5.43 -7.73
N SER B 243 -9.60 5.46 -8.48
CA SER B 243 -9.58 4.92 -9.83
C SER B 243 -8.71 5.71 -10.78
N PRO B 244 -7.92 4.99 -11.56
CA PRO B 244 -7.02 5.59 -12.53
C PRO B 244 -7.77 6.36 -13.61
N GLN B 245 -8.87 5.73 -14.09
CA GLN B 245 -9.60 6.24 -15.22
C GLN B 245 -11.06 5.80 -15.33
N LYS B 246 -11.87 6.57 -16.06
CA LYS B 246 -13.22 6.19 -16.33
C LYS B 246 -13.34 4.79 -16.91
N ASP B 247 -14.16 3.94 -16.33
CA ASP B 247 -14.52 2.60 -16.69
C ASP B 247 -13.48 1.55 -16.30
N TYR B 248 -12.46 1.92 -15.54
CA TYR B 248 -11.45 0.92 -15.19
C TYR B 248 -11.92 0.17 -13.98
N PRO B 249 -11.99 -1.13 -14.02
CA PRO B 249 -12.45 -1.99 -12.96
C PRO B 249 -11.42 -2.18 -11.84
N ALA B 250 -11.84 -2.28 -10.59
CA ALA B 250 -11.01 -2.28 -9.43
C ALA B 250 -10.83 -3.74 -9.03
N SER B 251 -9.91 -3.91 -8.10
CA SER B 251 -9.66 -5.22 -7.49
C SER B 251 -11.00 -5.91 -7.29
N ASP B 252 -11.07 -7.22 -7.16
CA ASP B 252 -12.31 -7.90 -6.86
C ASP B 252 -12.60 -8.01 -5.38
N LEU B 253 -11.77 -7.43 -4.51
CA LEU B 253 -11.99 -7.45 -3.07
C LEU B 253 -13.38 -6.91 -2.68
N PHE B 254 -14.12 -7.67 -1.88
CA PHE B 254 -15.49 -7.25 -1.54
C PHE B 254 -15.46 -5.96 -0.71
N ALA B 255 -14.42 -5.70 0.07
CA ALA B 255 -14.25 -4.51 0.82
C ALA B 255 -13.63 -3.38 0.01
N PHE B 256 -13.40 -3.52 -1.29
CA PHE B 256 -12.76 -2.41 -2.01
C PHE B 256 -13.64 -1.87 -3.12
N LEU B 257 -13.92 -0.57 -3.16
CA LEU B 257 -14.78 -0.01 -4.18
C LEU B 257 -14.24 1.37 -4.58
N TRP B 258 -14.51 1.71 -5.82
CA TRP B 258 -14.26 3.01 -6.40
C TRP B 258 -15.68 3.48 -6.76
N GLY B 259 -16.20 4.38 -5.91
CA GLY B 259 -17.55 4.91 -6.12
C GLY B 259 -17.52 6.43 -6.07
N GLY B 260 -18.71 7.02 -5.99
CA GLY B 260 -18.81 8.47 -5.94
C GLY B 260 -18.20 9.08 -4.70
N ALA B 261 -18.15 8.36 -3.59
CA ALA B 261 -17.54 8.85 -2.37
C ALA B 261 -16.09 8.32 -2.37
N ASP B 262 -15.12 9.19 -2.47
CA ASP B 262 -13.73 8.75 -2.54
C ASP B 262 -12.85 9.77 -1.83
N ARG B 263 -11.91 9.38 -1.01
CA ARG B 263 -11.06 10.37 -0.32
C ARG B 263 -10.14 11.20 -1.21
N VAL B 264 -9.82 10.84 -2.45
CA VAL B 264 -9.06 11.72 -3.31
C VAL B 264 -9.72 13.07 -3.50
N THR B 265 -11.05 13.17 -3.44
CA THR B 265 -11.66 14.50 -3.60
C THR B 265 -11.11 15.55 -2.64
N GLU B 266 -10.63 15.18 -1.47
CA GLU B 266 -10.05 15.98 -0.46
C GLU B 266 -8.74 16.59 -0.94
N ILE B 267 -8.01 15.90 -1.80
CA ILE B 267 -6.77 16.46 -2.37
C ILE B 267 -7.15 17.38 -3.53
N ASP B 268 -8.05 16.89 -4.41
CA ASP B 268 -8.49 17.73 -5.51
C ASP B 268 -8.97 19.10 -5.05
N ARG B 269 -9.91 19.16 -4.10
CA ARG B 269 -10.42 20.46 -3.63
C ARG B 269 -9.25 21.41 -3.29
N LEU B 270 -8.25 20.97 -2.54
CA LEU B 270 -7.12 21.80 -2.18
C LEU B 270 -6.30 22.18 -3.40
N LEU B 271 -6.06 21.33 -4.40
CA LEU B 271 -5.25 21.76 -5.52
C LEU B 271 -6.06 22.68 -6.44
N GLU B 272 -7.37 22.54 -6.47
CA GLU B 272 -8.17 23.42 -7.35
C GLU B 272 -8.46 24.75 -6.69
N GLN B 273 -8.24 24.87 -5.39
CA GLN B 273 -8.50 26.12 -4.69
C GLN B 273 -7.61 27.29 -5.07
N LYS B 274 -6.38 27.01 -5.47
CA LYS B 274 -5.44 28.08 -5.79
C LYS B 274 -5.03 27.86 -7.23
N PRO B 275 -4.93 28.94 -7.97
CA PRO B 275 -4.48 28.91 -9.36
C PRO B 275 -3.07 28.31 -9.43
N ARG B 276 -2.10 28.74 -8.62
CA ARG B 276 -0.79 28.14 -8.59
C ARG B 276 -0.36 27.81 -7.18
N LEU B 277 0.55 26.88 -6.97
CA LEU B 277 1.03 26.53 -5.65
C LEU B 277 2.56 26.61 -5.60
N THR B 278 3.08 27.01 -4.46
CA THR B 278 4.53 26.97 -4.23
C THR B 278 4.83 25.61 -3.60
N ALA B 279 6.10 25.30 -3.44
CA ALA B 279 6.61 24.13 -2.77
C ALA B 279 6.07 24.06 -1.34
N ASP B 280 6.20 25.16 -0.60
CA ASP B 280 5.67 25.24 0.76
C ASP B 280 4.16 24.98 0.88
N GLN B 281 3.37 25.50 -0.03
CA GLN B 281 1.96 25.13 -0.10
C GLN B 281 1.70 23.71 -0.57
N ALA B 282 2.49 23.11 -1.44
CA ALA B 282 2.28 21.73 -1.83
C ALA B 282 2.57 20.85 -0.60
N TRP B 283 3.60 21.27 0.17
CA TRP B 283 3.96 20.49 1.34
C TRP B 283 2.87 20.59 2.41
N ASP B 284 2.26 21.74 2.60
CA ASP B 284 1.19 21.99 3.49
C ASP B 284 -0.08 21.18 3.25
N VAL B 285 -0.29 20.65 2.05
CA VAL B 285 -1.40 19.74 1.78
C VAL B 285 -1.26 18.48 2.61
N ILE B 286 -0.02 18.09 2.99
CA ILE B 286 0.14 16.94 3.85
C ILE B 286 -0.57 17.20 5.19
N ARG B 287 -0.31 18.36 5.77
CA ARG B 287 -0.90 18.65 7.07
C ARG B 287 -2.43 18.76 6.99
N GLN B 288 -3.01 19.43 6.00
CA GLN B 288 -4.49 19.49 5.92
C GLN B 288 -5.15 18.12 5.75
N THR B 289 -4.71 17.36 4.74
CA THR B 289 -5.31 16.06 4.48
C THR B 289 -5.05 15.12 5.64
N SER B 290 -3.96 15.20 6.38
CA SER B 290 -3.70 14.36 7.52
C SER B 290 -4.79 14.43 8.59
N ARG B 291 -5.34 15.66 8.76
CA ARG B 291 -6.25 15.95 9.84
C ARG B 291 -7.73 15.98 9.45
N GLN B 292 -8.04 15.69 8.18
CA GLN B 292 -9.38 15.90 7.66
C GLN B 292 -10.30 14.74 7.89
N ASP B 293 -11.46 14.98 8.50
CA ASP B 293 -12.45 13.86 8.64
C ASP B 293 -12.94 13.57 7.22
N LEU B 294 -12.96 12.36 6.76
CA LEU B 294 -13.40 11.98 5.44
C LEU B 294 -14.91 11.81 5.24
N ASN B 295 -15.71 11.73 6.32
CA ASN B 295 -17.13 11.51 6.09
C ASN B 295 -17.94 12.80 6.12
N LEU B 296 -17.37 13.87 6.66
CA LEU B 296 -18.18 15.05 6.84
C LEU B 296 -18.84 15.50 5.55
N ARG B 297 -18.01 15.71 4.53
CA ARG B 297 -18.31 16.18 3.21
C ARG B 297 -19.42 15.34 2.61
N LEU B 298 -19.34 14.03 2.81
CA LEU B 298 -20.25 13.09 2.21
C LEU B 298 -21.67 13.15 2.72
N PHE B 299 -21.87 13.27 4.01
CA PHE B 299 -23.20 13.11 4.60
C PHE B 299 -23.69 14.38 5.32
N LEU B 300 -22.91 15.48 5.29
CA LEU B 300 -23.47 16.69 5.87
C LEU B 300 -24.74 17.23 5.18
N PRO B 301 -24.83 17.36 3.88
CA PRO B 301 -26.05 17.73 3.20
C PRO B 301 -27.25 16.84 3.54
N THR B 302 -27.16 15.54 3.68
CA THR B 302 -28.25 14.67 4.09
C THR B 302 -28.76 14.96 5.51
N LEU B 303 -27.85 15.24 6.42
CA LEU B 303 -28.10 15.55 7.80
C LEU B 303 -28.77 16.92 7.91
N GLN B 304 -28.36 17.86 7.10
CA GLN B 304 -28.93 19.18 7.06
C GLN B 304 -30.37 19.13 6.55
N ALA B 305 -30.57 18.42 5.43
CA ALA B 305 -31.91 18.27 4.89
C ALA B 305 -32.85 17.66 5.93
N ALA B 306 -32.39 16.60 6.60
CA ALA B 306 -33.36 15.91 7.45
C ALA B 306 -33.71 16.67 8.73
N THR B 307 -32.96 17.62 9.24
CA THR B 307 -33.16 18.29 10.50
C THR B 307 -33.59 19.72 10.22
N SER B 308 -33.81 20.04 8.95
CA SER B 308 -34.22 21.40 8.59
C SER B 308 -35.55 21.82 9.23
N GLY B 309 -36.51 20.96 9.46
CA GLY B 309 -37.82 21.35 9.97
C GLY B 309 -37.97 21.06 11.46
N LEU B 310 -36.86 20.83 12.15
CA LEU B 310 -36.85 20.59 13.56
C LEU B 310 -36.65 21.88 14.36
N THR B 311 -37.14 21.87 15.58
CA THR B 311 -37.01 23.06 16.43
C THR B 311 -35.63 23.20 17.04
N GLN B 312 -35.35 24.43 17.52
CA GLN B 312 -34.04 24.80 18.05
C GLN B 312 -33.58 23.90 19.21
N SER B 313 -34.58 23.45 19.97
CA SER B 313 -34.25 22.67 21.17
C SER B 313 -34.29 21.18 20.93
N ASP B 314 -34.53 20.72 19.72
CA ASP B 314 -34.44 19.27 19.45
C ASP B 314 -32.94 18.97 19.37
N PRO B 315 -32.51 18.05 20.19
CA PRO B 315 -31.12 17.66 20.29
C PRO B 315 -30.54 17.08 18.97
N ARG B 316 -31.34 16.38 18.15
CA ARG B 316 -30.91 15.88 16.85
C ARG B 316 -30.47 17.05 15.97
N ARG B 317 -31.23 18.16 16.08
CA ARG B 317 -30.78 19.32 15.31
C ARG B 317 -29.54 19.98 15.86
N GLN B 318 -29.39 19.95 17.20
CA GLN B 318 -28.19 20.64 17.67
C GLN B 318 -26.93 19.90 17.35
N LEU B 319 -26.98 18.56 17.26
CA LEU B 319 -25.94 17.75 16.71
C LEU B 319 -25.58 18.14 15.28
N VAL B 320 -26.56 18.40 14.42
CA VAL B 320 -26.25 18.82 13.05
C VAL B 320 -25.72 20.23 13.01
N GLU B 321 -26.13 21.13 13.90
CA GLU B 321 -25.59 22.49 13.86
C GLU B 321 -24.14 22.57 14.30
N THR B 322 -23.74 21.78 15.29
CA THR B 322 -22.34 21.59 15.64
C THR B 322 -21.53 21.17 14.39
N LEU B 323 -21.94 20.14 13.67
CA LEU B 323 -21.30 19.70 12.46
C LEU B 323 -21.23 20.80 11.41
N THR B 324 -22.27 21.57 11.25
CA THR B 324 -22.31 22.62 10.26
C THR B 324 -21.32 23.73 10.55
N ARG B 325 -20.95 23.95 11.80
CA ARG B 325 -20.03 25.01 12.15
C ARG B 325 -18.58 24.53 11.99
N TRP B 326 -18.33 23.25 11.77
CA TRP B 326 -17.02 22.62 11.80
C TRP B 326 -16.42 22.52 10.38
N ASP B 327 -15.12 22.64 10.18
CA ASP B 327 -14.57 22.51 8.83
C ASP B 327 -14.06 21.08 8.66
N GLY B 328 -14.20 20.23 9.67
CA GLY B 328 -13.81 18.85 9.57
C GLY B 328 -12.33 18.61 9.88
N ILE B 329 -11.57 19.68 10.18
CA ILE B 329 -10.17 19.46 10.54
C ILE B 329 -10.03 19.06 12.00
N ASN B 330 -9.52 17.90 12.38
CA ASN B 330 -9.34 17.54 13.77
C ASN B 330 -8.10 18.17 14.38
N LEU B 331 -8.15 18.84 15.51
CA LEU B 331 -6.98 19.37 16.20
C LEU B 331 -6.92 18.85 17.63
N LEU B 332 -5.77 18.59 18.23
CA LEU B 332 -5.69 18.17 19.61
C LEU B 332 -5.95 19.29 20.58
N ASN B 333 -6.58 18.95 21.70
CA ASN B 333 -6.60 19.89 22.79
C ASN B 333 -5.23 20.04 23.41
N ASP B 334 -5.03 20.90 24.38
CA ASP B 334 -3.82 21.04 25.17
C ASP B 334 -3.44 19.84 26.02
N ASP B 335 -4.35 18.97 26.34
CA ASP B 335 -4.10 17.78 27.10
C ASP B 335 -3.38 16.73 26.28
N GLY B 336 -3.24 16.88 24.95
CA GLY B 336 -2.64 15.80 24.17
C GLY B 336 -3.49 14.56 24.08
N LYS B 337 -4.82 14.60 24.37
CA LYS B 337 -5.52 13.33 24.15
C LYS B 337 -6.95 13.45 23.68
N THR B 338 -7.50 14.64 23.58
CA THR B 338 -8.88 14.74 23.16
C THR B 338 -8.92 15.69 21.97
N TRP B 339 -9.96 15.51 21.15
CA TRP B 339 -10.09 16.46 20.04
C TRP B 339 -10.83 17.71 20.47
N GLN B 340 -10.58 18.83 19.84
CA GLN B 340 -11.19 20.11 20.08
C GLN B 340 -12.66 20.12 19.71
N GLN B 341 -13.14 19.36 18.75
CA GLN B 341 -14.56 19.35 18.41
C GLN B 341 -15.01 17.92 18.44
N PRO B 342 -16.27 17.63 18.69
CA PRO B 342 -16.78 16.28 18.77
C PRO B 342 -17.24 15.64 17.49
N GLY B 343 -17.16 16.30 16.36
CA GLY B 343 -17.59 15.89 15.04
C GLY B 343 -17.36 14.48 14.58
N SER B 344 -16.15 13.97 14.76
CA SER B 344 -15.84 12.62 14.31
C SER B 344 -16.58 11.65 15.20
N ALA B 345 -16.76 11.96 16.49
CA ALA B 345 -17.47 11.03 17.35
C ALA B 345 -18.95 10.91 16.95
N ILE B 346 -19.57 12.04 16.65
CA ILE B 346 -20.96 12.08 16.18
C ILE B 346 -21.16 11.31 14.87
N LEU B 347 -20.29 11.57 13.87
CA LEU B 347 -20.35 10.87 12.59
C LEU B 347 -20.15 9.36 12.73
N ASN B 348 -19.19 9.02 13.59
CA ASN B 348 -18.95 7.62 13.87
C ASN B 348 -20.21 6.96 14.42
N VAL B 349 -20.79 7.58 15.48
CA VAL B 349 -21.98 6.91 16.04
C VAL B 349 -23.16 6.92 15.07
N TRP B 350 -23.42 8.07 14.42
CA TRP B 350 -24.48 8.10 13.43
C TRP B 350 -24.34 7.05 12.32
N LEU B 351 -23.14 6.99 11.77
CA LEU B 351 -22.83 6.10 10.62
C LEU B 351 -22.98 4.65 11.03
N THR B 352 -22.54 4.30 12.24
CA THR B 352 -22.72 2.90 12.67
C THR B 352 -24.21 2.60 12.77
N SER B 353 -25.01 3.54 13.26
CA SER B 353 -26.45 3.30 13.32
C SER B 353 -27.13 3.24 11.97
N MET B 354 -26.72 4.13 11.06
CA MET B 354 -27.28 4.19 9.71
C MET B 354 -26.99 2.90 8.94
N LEU B 355 -25.81 2.32 9.14
CA LEU B 355 -25.46 1.11 8.41
C LEU B 355 -26.22 -0.08 8.93
N LYS B 356 -26.37 -0.10 10.26
CA LYS B 356 -27.11 -1.18 10.91
C LYS B 356 -28.58 -1.16 10.51
N ARG B 357 -29.19 -0.01 10.28
CA ARG B 357 -30.55 0.09 9.75
C ARG B 357 -30.70 -0.14 8.25
N THR B 358 -29.67 0.01 7.40
CA THR B 358 -29.80 -0.03 5.96
C THR B 358 -29.05 -1.20 5.34
N VAL B 359 -27.74 -1.06 5.04
CA VAL B 359 -26.95 -2.02 4.33
C VAL B 359 -26.91 -3.35 5.06
N VAL B 360 -26.61 -3.27 6.35
CA VAL B 360 -26.52 -4.46 7.18
C VAL B 360 -27.80 -5.27 7.11
N ALA B 361 -28.97 -4.62 7.20
CA ALA B 361 -30.25 -5.29 7.22
C ALA B 361 -30.54 -6.00 5.90
N ALA B 362 -30.04 -5.54 4.77
CA ALA B 362 -30.36 -6.19 3.50
C ALA B 362 -29.50 -7.40 3.19
N VAL B 363 -28.40 -7.61 3.92
CA VAL B 363 -27.50 -8.69 3.66
C VAL B 363 -27.61 -9.79 4.68
N PRO B 364 -27.69 -11.03 4.22
CA PRO B 364 -27.79 -12.19 5.07
C PRO B 364 -26.55 -12.34 5.93
N MET B 365 -26.74 -12.84 7.15
CA MET B 365 -25.66 -13.29 8.01
C MET B 365 -25.02 -14.52 7.37
N PRO B 366 -23.70 -14.59 7.52
CA PRO B 366 -22.86 -13.71 8.30
C PRO B 366 -22.13 -12.65 7.48
N PHE B 367 -22.65 -12.35 6.30
CA PHE B 367 -22.04 -11.39 5.41
C PHE B 367 -22.41 -9.97 5.80
N ASP B 368 -23.43 -9.84 6.64
CA ASP B 368 -23.78 -8.52 7.13
C ASP B 368 -22.65 -7.80 7.86
N LYS B 369 -21.78 -8.47 8.59
CA LYS B 369 -20.64 -7.95 9.30
C LYS B 369 -19.60 -7.30 8.40
N TRP B 370 -19.57 -7.68 7.11
CA TRP B 370 -18.68 -7.01 6.18
C TRP B 370 -19.11 -5.57 5.96
N TYR B 371 -20.34 -5.16 6.27
CA TYR B 371 -20.74 -3.83 5.85
C TYR B 371 -21.07 -2.96 7.05
N SER B 372 -20.77 -3.42 8.25
CA SER B 372 -21.13 -2.64 9.43
C SER B 372 -20.11 -1.60 9.90
N ALA B 373 -18.84 -1.67 9.52
CA ALA B 373 -17.85 -0.74 10.10
C ALA B 373 -18.06 0.66 9.56
N SER B 374 -17.86 1.62 10.45
CA SER B 374 -18.05 3.02 10.09
C SER B 374 -16.81 3.61 9.47
N GLY B 375 -15.66 2.95 9.67
CA GLY B 375 -14.42 3.40 9.16
C GLY B 375 -13.62 4.16 10.20
N TYR B 376 -14.08 4.29 11.43
CA TYR B 376 -13.29 4.99 12.44
C TYR B 376 -12.62 3.96 13.36
N GLU B 377 -12.92 2.70 13.14
CA GLU B 377 -12.49 1.64 14.02
C GLU B 377 -10.98 1.64 14.22
N THR B 378 -10.62 1.78 15.50
CA THR B 378 -9.24 1.75 15.94
C THR B 378 -9.13 1.12 17.33
N THR B 379 -7.93 1.19 17.90
CA THR B 379 -7.67 0.83 19.30
C THR B 379 -6.80 1.87 19.98
N GLN B 380 -6.27 1.51 21.15
CA GLN B 380 -5.44 2.47 21.91
C GLN B 380 -4.17 2.85 21.17
N ASP B 381 -3.55 1.87 20.49
CA ASP B 381 -2.37 2.21 19.68
C ASP B 381 -2.68 3.03 18.45
N GLY B 382 -3.93 3.06 18.00
CA GLY B 382 -4.38 3.79 16.83
C GLY B 382 -4.44 2.93 15.57
N PRO B 383 -4.91 3.53 14.49
CA PRO B 383 -5.01 2.85 13.22
C PRO B 383 -3.65 2.31 12.78
N THR B 384 -3.69 1.12 12.19
CA THR B 384 -2.56 0.40 11.63
C THR B 384 -2.26 0.95 10.24
N GLY B 385 -3.14 1.73 9.65
CA GLY B 385 -2.81 2.25 8.31
C GLY B 385 -3.62 3.55 8.13
N SER B 386 -3.88 3.77 6.85
CA SER B 386 -4.64 4.99 6.54
C SER B 386 -6.08 4.85 7.04
N LEU B 387 -6.74 5.92 7.35
CA LEU B 387 -8.13 6.14 7.39
C LEU B 387 -8.69 6.25 5.97
N ASN B 388 -9.81 5.62 5.75
CA ASN B 388 -10.61 5.57 4.52
C ASN B 388 -12.09 5.64 4.79
N ILE B 389 -12.90 5.83 3.76
CA ILE B 389 -14.35 5.79 3.81
C ILE B 389 -14.74 4.33 3.79
N SER B 390 -15.50 3.74 4.67
CA SER B 390 -15.72 2.30 4.65
C SER B 390 -16.53 1.83 3.45
N VAL B 391 -16.53 0.54 3.14
CA VAL B 391 -17.31 0.03 2.06
C VAL B 391 -18.82 0.38 2.26
N GLY B 392 -19.32 0.06 3.46
CA GLY B 392 -20.70 0.24 3.88
C GLY B 392 -21.09 1.70 3.65
N ALA B 393 -20.17 2.61 4.01
CA ALA B 393 -20.42 4.02 3.80
C ALA B 393 -20.41 4.40 2.33
N LYS B 394 -19.66 3.75 1.46
CA LYS B 394 -19.66 4.05 0.03
C LYS B 394 -20.96 3.53 -0.61
N ILE B 395 -21.43 2.38 -0.16
CA ILE B 395 -22.70 1.87 -0.63
C ILE B 395 -23.86 2.72 -0.11
N LEU B 396 -23.76 3.15 1.15
CA LEU B 396 -24.81 4.05 1.69
C LEU B 396 -24.81 5.36 0.95
N TYR B 397 -23.65 5.85 0.48
CA TYR B 397 -23.65 7.14 -0.22
C TYR B 397 -24.41 7.08 -1.54
N GLU B 398 -24.32 5.97 -2.24
CA GLU B 398 -25.00 5.75 -3.50
C GLU B 398 -26.50 5.78 -3.21
N ALA B 399 -26.95 5.06 -2.17
CA ALA B 399 -28.32 5.04 -1.72
C ALA B 399 -28.92 6.42 -1.36
N VAL B 400 -28.15 7.27 -0.69
CA VAL B 400 -28.76 8.55 -0.40
C VAL B 400 -28.71 9.52 -1.58
N GLN B 401 -28.06 9.09 -2.67
CA GLN B 401 -28.00 9.94 -3.85
C GLN B 401 -29.24 9.79 -4.72
N GLY B 402 -30.03 8.77 -4.49
CA GLY B 402 -31.27 8.67 -5.23
C GLY B 402 -31.07 8.24 -6.67
N ASP B 403 -31.81 8.84 -7.58
CA ASP B 403 -31.64 8.47 -8.99
C ASP B 403 -30.48 9.21 -9.62
N LYS B 404 -29.73 9.99 -8.84
CA LYS B 404 -28.50 10.63 -9.25
C LYS B 404 -27.32 9.67 -9.17
N SER B 405 -27.49 8.49 -8.59
CA SER B 405 -26.42 7.49 -8.57
C SER B 405 -26.63 6.60 -9.78
N PRO B 406 -25.56 6.27 -10.47
CA PRO B 406 -25.57 5.39 -11.62
C PRO B 406 -25.79 3.93 -11.24
N ILE B 407 -25.74 3.56 -9.97
CA ILE B 407 -25.90 2.19 -9.54
C ILE B 407 -27.35 1.84 -9.24
N PRO B 408 -27.92 0.97 -10.02
CA PRO B 408 -29.31 0.55 -9.82
C PRO B 408 -29.52 -0.03 -8.44
N GLN B 409 -30.46 0.60 -7.72
CA GLN B 409 -30.79 0.11 -6.39
C GLN B 409 -31.78 -1.02 -6.43
N ALA B 410 -31.24 -2.23 -6.72
CA ALA B 410 -32.12 -3.41 -6.81
C ALA B 410 -32.89 -3.65 -5.53
N VAL B 411 -32.35 -3.44 -4.34
CA VAL B 411 -33.13 -3.45 -3.12
C VAL B 411 -33.10 -2.00 -2.60
N ASP B 412 -34.24 -1.61 -2.04
CA ASP B 412 -34.36 -0.30 -1.39
C ASP B 412 -33.81 -0.49 0.02
N LEU B 413 -32.75 0.23 0.26
CA LEU B 413 -31.99 0.05 1.47
C LEU B 413 -32.68 0.72 2.63
N PHE B 414 -33.55 1.69 2.35
CA PHE B 414 -34.39 2.35 3.30
C PHE B 414 -35.68 1.60 3.59
N ALA B 415 -35.88 0.44 2.99
CA ALA B 415 -37.02 -0.44 3.14
C ALA B 415 -38.40 0.21 3.18
N GLY B 416 -38.74 1.11 2.27
CA GLY B 416 -40.05 1.73 2.21
C GLY B 416 -40.19 3.01 3.01
N LYS B 417 -39.28 3.27 3.95
CA LYS B 417 -39.36 4.50 4.71
C LYS B 417 -38.68 5.64 3.99
N PRO B 418 -39.21 6.83 4.11
CA PRO B 418 -38.58 8.03 3.61
C PRO B 418 -37.19 8.10 4.25
N GLN B 419 -36.16 8.45 3.54
CA GLN B 419 -34.79 8.61 4.03
C GLN B 419 -34.72 9.40 5.32
N GLN B 420 -35.42 10.56 5.30
CA GLN B 420 -35.32 11.49 6.43
C GLN B 420 -35.72 10.87 7.74
N GLU B 421 -36.67 9.92 7.68
CA GLU B 421 -37.05 9.21 8.90
C GLU B 421 -35.96 8.30 9.41
N VAL B 422 -35.23 7.63 8.50
CA VAL B 422 -34.13 6.77 8.92
C VAL B 422 -32.94 7.62 9.40
N VAL B 423 -32.71 8.74 8.77
CA VAL B 423 -31.66 9.63 9.22
C VAL B 423 -31.94 10.14 10.63
N LEU B 424 -33.15 10.58 10.93
CA LEU B 424 -33.55 11.13 12.21
C LEU B 424 -33.54 10.05 13.27
N ALA B 425 -33.93 8.85 12.93
CA ALA B 425 -33.85 7.79 13.93
C ALA B 425 -32.42 7.52 14.36
N ALA B 426 -31.46 7.50 13.45
CA ALA B 426 -30.05 7.24 13.71
C ALA B 426 -29.50 8.41 14.52
N LEU B 427 -29.97 9.59 14.21
CA LEU B 427 -29.54 10.78 14.95
C LEU B 427 -30.03 10.70 16.40
N GLU B 428 -31.16 10.06 16.66
CA GLU B 428 -31.70 9.91 18.00
C GLU B 428 -30.84 8.92 18.76
N ASP B 429 -30.42 7.87 18.07
CA ASP B 429 -29.54 6.87 18.63
C ASP B 429 -28.21 7.53 19.00
N THR B 430 -27.72 8.46 18.21
CA THR B 430 -26.46 9.12 18.42
C THR B 430 -26.53 9.99 19.65
N TRP B 431 -27.62 10.77 19.70
CA TRP B 431 -27.79 11.62 20.89
C TRP B 431 -27.86 10.80 22.17
N GLU B 432 -28.60 9.71 22.18
CA GLU B 432 -28.74 8.85 23.34
C GLU B 432 -27.41 8.29 23.84
N THR B 433 -26.65 7.68 22.91
CA THR B 433 -25.31 7.20 23.23
C THR B 433 -24.33 8.25 23.71
N LEU B 434 -24.20 9.37 23.02
CA LEU B 434 -23.20 10.35 23.45
C LEU B 434 -23.58 11.16 24.66
N SER B 435 -24.80 11.65 24.81
CA SER B 435 -25.23 12.44 25.95
C SER B 435 -25.12 11.58 27.19
N LYS B 436 -25.36 10.28 27.11
CA LYS B 436 -25.23 9.43 28.26
C LYS B 436 -23.79 9.48 28.79
N ARG B 437 -22.80 9.46 27.91
CA ARG B 437 -21.41 9.37 28.38
C ARG B 437 -20.81 10.72 28.68
N TYR B 438 -21.22 11.77 27.97
CA TYR B 438 -20.66 13.09 28.17
C TYR B 438 -21.60 14.06 28.84
N GLY B 439 -22.88 13.77 28.88
CA GLY B 439 -23.82 14.80 29.39
C GLY B 439 -24.50 15.55 28.24
N ASN B 440 -25.29 16.57 28.58
CA ASN B 440 -26.10 17.28 27.63
C ASN B 440 -25.51 18.56 27.09
N ASN B 441 -24.41 18.99 27.67
CA ASN B 441 -23.82 20.23 27.16
C ASN B 441 -22.76 19.88 26.14
N VAL B 442 -23.15 19.98 24.87
CA VAL B 442 -22.29 19.60 23.75
C VAL B 442 -20.99 20.37 23.67
N SER B 443 -20.99 21.63 24.07
CA SER B 443 -19.81 22.53 24.03
C SER B 443 -18.64 22.09 24.90
N ASN B 444 -18.91 21.20 25.90
CA ASN B 444 -17.80 20.71 26.73
C ASN B 444 -17.50 19.23 26.55
N TRP B 445 -18.09 18.65 25.49
CA TRP B 445 -17.69 17.31 25.10
C TRP B 445 -16.20 17.22 24.77
N LYS B 446 -15.43 16.40 25.46
CA LYS B 446 -14.00 16.22 25.16
C LYS B 446 -13.87 14.79 24.69
N THR B 447 -13.95 14.55 23.39
CA THR B 447 -13.89 13.20 22.83
C THR B 447 -12.47 12.79 22.50
N PRO B 448 -12.18 11.52 22.66
CA PRO B 448 -10.86 10.95 22.50
C PRO B 448 -10.32 11.05 21.08
N ALA B 449 -9.05 11.48 20.98
CA ALA B 449 -8.32 11.58 19.74
C ALA B 449 -7.71 10.23 19.39
N MET B 450 -7.40 9.95 18.17
CA MET B 450 -6.66 8.78 17.72
C MET B 450 -5.17 9.13 17.90
N ALA B 451 -4.38 8.20 18.38
CA ALA B 451 -2.94 8.38 18.50
C ALA B 451 -2.25 7.54 17.39
N LEU B 452 -0.92 7.57 17.36
CA LEU B 452 -0.13 6.86 16.35
C LEU B 452 1.03 6.11 17.01
N THR B 453 1.18 4.82 16.72
CA THR B 453 2.21 3.93 17.18
C THR B 453 3.22 3.50 16.12
N PHE B 454 4.53 3.66 16.31
CA PHE B 454 5.58 3.11 15.47
C PHE B 454 5.85 1.75 16.12
N ARG B 455 5.26 0.71 15.53
CA ARG B 455 5.36 -0.64 16.02
C ARG B 455 6.72 -1.32 15.85
N ALA B 456 7.07 -2.21 16.74
CA ALA B 456 8.27 -3.00 16.85
C ALA B 456 8.11 -4.32 16.12
N ASN B 457 6.87 -4.70 15.81
CA ASN B 457 6.56 -5.85 14.99
C ASN B 457 6.38 -5.39 13.53
N ASN B 458 6.82 -6.19 12.54
CA ASN B 458 6.54 -5.61 11.25
C ASN B 458 5.20 -6.04 10.75
N PHE B 459 4.79 -5.61 9.56
CA PHE B 459 3.45 -5.73 9.05
C PHE B 459 2.95 -7.17 9.05
N PHE B 460 3.85 -8.15 9.00
CA PHE B 460 3.39 -9.54 9.11
C PHE B 460 3.07 -9.91 10.56
N GLY B 461 3.36 -9.09 11.55
CA GLY B 461 3.13 -9.48 12.94
C GLY B 461 4.41 -10.07 13.56
N VAL B 462 5.53 -9.99 12.87
CA VAL B 462 6.78 -10.54 13.36
C VAL B 462 7.68 -9.44 13.94
N PRO B 463 8.31 -9.73 15.04
CA PRO B 463 9.21 -8.80 15.69
C PRO B 463 10.37 -8.44 14.75
N GLN B 464 10.68 -7.17 14.64
CA GLN B 464 11.89 -6.70 14.02
C GLN B 464 12.55 -5.69 14.87
N ALA B 465 12.23 -5.65 16.15
CA ALA B 465 12.83 -4.78 17.15
C ALA B 465 12.32 -5.28 18.51
N ALA B 466 12.93 -4.94 19.65
CA ALA B 466 12.36 -5.46 20.91
C ALA B 466 11.10 -4.63 21.18
N ALA B 467 10.19 -5.13 22.01
CA ALA B 467 8.95 -4.42 22.35
C ALA B 467 9.14 -3.04 22.93
N GLU B 468 10.21 -2.79 23.68
CA GLU B 468 10.45 -1.45 24.22
C GLU B 468 10.82 -0.45 23.14
N GLU B 469 11.11 -0.91 21.92
CA GLU B 469 11.55 -0.01 20.85
C GLU B 469 10.36 0.66 20.18
N THR B 470 9.15 0.27 20.58
CA THR B 470 7.92 0.91 20.13
C THR B 470 7.91 2.41 20.43
N ARG B 471 7.46 3.26 19.53
CA ARG B 471 7.37 4.67 19.82
C ARG B 471 5.98 5.19 19.67
N HIS B 472 5.63 6.16 20.51
CA HIS B 472 4.28 6.67 20.46
C HIS B 472 4.21 8.12 20.06
N GLN B 473 3.23 8.42 19.21
CA GLN B 473 2.96 9.79 18.83
C GLN B 473 1.57 10.20 19.17
N ALA B 474 1.36 11.31 19.87
CA ALA B 474 0.08 11.66 20.44
C ALA B 474 -0.90 11.95 19.32
N GLU B 475 -0.54 12.63 18.24
CA GLU B 475 -1.45 12.89 17.16
C GLU B 475 -1.39 11.94 15.96
N TYR B 476 -2.49 11.21 15.69
CA TYR B 476 -2.68 10.38 14.53
C TYR B 476 -2.73 11.30 13.30
N GLN B 477 -1.99 10.96 12.25
CA GLN B 477 -1.95 11.71 11.04
C GLN B 477 -2.22 10.85 9.87
N ASN B 478 -3.23 11.12 9.06
CA ASN B 478 -3.55 10.26 7.91
C ASN B 478 -2.59 10.60 6.75
N ARG B 479 -1.32 10.17 6.84
CA ARG B 479 -0.28 10.65 5.95
C ARG B 479 0.69 9.53 5.58
N GLY B 480 1.62 9.82 4.64
CA GLY B 480 2.58 8.76 4.33
C GLY B 480 3.50 8.40 5.48
N THR B 481 3.87 7.14 5.57
CA THR B 481 4.82 6.54 6.47
C THR B 481 6.13 7.36 6.37
N GLU B 482 6.46 7.80 5.14
CA GLU B 482 7.45 8.80 4.89
C GLU B 482 6.81 9.83 3.98
N ASN B 483 7.28 11.06 3.89
CA ASN B 483 6.86 12.06 2.94
C ASN B 483 8.12 12.59 2.23
N ASP B 484 8.02 12.78 0.92
CA ASP B 484 9.22 13.24 0.20
C ASP B 484 8.71 14.24 -0.83
N MET B 485 9.48 15.31 -1.01
CA MET B 485 9.13 16.35 -1.95
C MET B 485 10.33 16.64 -2.88
N ILE B 486 10.09 16.75 -4.17
CA ILE B 486 11.09 17.08 -5.16
C ILE B 486 10.62 18.31 -5.92
N VAL B 487 11.43 19.34 -5.97
CA VAL B 487 11.10 20.58 -6.64
C VAL B 487 12.09 20.83 -7.79
N PHE B 488 11.62 20.83 -9.02
CA PHE B 488 12.46 21.07 -10.18
C PHE B 488 12.42 22.53 -10.64
N SER B 489 13.58 23.01 -11.05
CA SER B 489 13.89 24.36 -11.48
C SER B 489 13.30 25.45 -10.60
N PRO B 490 13.75 25.47 -9.36
CA PRO B 490 13.31 26.46 -8.39
C PRO B 490 13.76 27.83 -8.89
N THR B 491 12.93 28.86 -8.88
CA THR B 491 13.41 30.20 -9.16
C THR B 491 14.24 30.73 -8.00
N THR B 492 14.13 30.20 -6.81
CA THR B 492 14.78 30.65 -5.60
C THR B 492 16.13 30.05 -5.25
N SER B 493 16.78 29.32 -6.13
CA SER B 493 18.10 28.75 -5.87
C SER B 493 18.78 28.62 -7.23
N ASP B 494 20.05 28.28 -7.27
CA ASP B 494 20.81 28.11 -8.50
C ASP B 494 20.82 26.64 -8.88
N ARG B 495 20.48 25.81 -7.90
CA ARG B 495 20.35 24.37 -8.14
C ARG B 495 19.12 24.09 -9.00
N PRO B 496 19.26 23.21 -9.97
CA PRO B 496 18.22 22.71 -10.84
C PRO B 496 17.12 21.89 -10.15
N VAL B 497 17.43 21.19 -9.08
CA VAL B 497 16.59 20.38 -8.27
C VAL B 497 16.78 20.68 -6.77
N LEU B 498 15.72 20.56 -5.97
CA LEU B 498 15.81 20.55 -4.51
C LEU B 498 14.93 19.38 -4.06
N ALA B 499 15.29 18.58 -3.07
CA ALA B 499 14.45 17.49 -2.65
C ALA B 499 14.52 17.39 -1.12
N TRP B 500 13.51 16.84 -0.46
CA TRP B 500 13.49 16.69 0.96
C TRP B 500 12.74 15.40 1.30
N ASP B 501 13.03 14.82 2.46
CA ASP B 501 12.30 13.65 2.90
C ASP B 501 12.35 13.64 4.43
N VAL B 502 11.77 12.62 5.04
CA VAL B 502 11.79 12.48 6.48
C VAL B 502 11.60 10.99 6.67
N VAL B 503 12.49 10.29 7.35
CA VAL B 503 12.50 8.86 7.51
C VAL B 503 12.58 8.60 9.01
N ALA B 504 11.46 8.47 9.67
CA ALA B 504 11.38 8.33 11.12
C ALA B 504 11.15 6.92 11.51
N PRO B 505 11.67 6.48 12.63
CA PRO B 505 12.43 7.27 13.58
C PRO B 505 13.78 7.82 13.15
N GLY B 506 14.52 7.09 12.32
CA GLY B 506 15.83 7.53 11.83
C GLY B 506 16.41 6.59 10.79
N GLN B 507 17.61 6.94 10.30
CA GLN B 507 18.13 6.05 9.27
C GLN B 507 18.70 4.78 9.84
N SER B 508 19.24 4.81 11.06
CA SER B 508 19.76 3.59 11.67
C SER B 508 18.81 2.94 12.65
N GLY B 509 18.92 1.63 12.78
CA GLY B 509 18.18 0.93 13.82
C GLY B 509 19.24 0.21 14.66
N PHE B 510 20.52 0.61 14.58
CA PHE B 510 21.52 -0.14 15.34
C PHE B 510 21.58 0.21 16.82
N ILE B 511 21.65 -0.84 17.61
CA ILE B 511 21.87 -0.81 19.06
C ILE B 511 23.04 -1.78 19.37
N ALA B 512 24.12 -1.26 19.93
CA ALA B 512 25.28 -2.07 20.29
C ALA B 512 24.90 -3.07 21.36
N PRO B 513 25.72 -4.10 21.52
CA PRO B 513 25.54 -5.11 22.55
C PRO B 513 25.48 -4.52 23.95
N ASP B 514 26.19 -3.45 24.31
CA ASP B 514 26.04 -2.80 25.60
C ASP B 514 24.83 -1.88 25.72
N GLY B 515 23.92 -1.84 24.75
CA GLY B 515 22.70 -1.06 24.76
C GLY B 515 22.84 0.38 24.29
N THR B 516 23.99 0.72 23.74
CA THR B 516 24.26 2.06 23.27
C THR B 516 23.59 2.20 21.92
N VAL B 517 22.71 3.16 21.80
CA VAL B 517 21.90 3.42 20.62
C VAL B 517 22.64 4.27 19.60
N ASP B 518 22.54 3.90 18.31
CA ASP B 518 23.23 4.65 17.28
C ASP B 518 22.84 6.13 17.36
N LYS B 519 23.72 6.99 16.92
CA LYS B 519 23.56 8.44 16.86
C LYS B 519 22.40 8.87 15.95
N HIS B 520 22.06 7.99 14.98
CA HIS B 520 20.95 8.32 14.08
C HIS B 520 19.74 7.39 14.22
N TYR B 521 19.59 6.86 15.44
CA TYR B 521 18.46 5.97 15.77
C TYR B 521 17.11 6.70 15.82
N GLU B 522 17.02 7.96 16.19
CA GLU B 522 15.74 8.59 16.45
C GLU B 522 15.82 10.09 16.25
N ASP B 523 16.78 10.51 15.44
CA ASP B 523 16.94 11.96 15.25
C ASP B 523 15.96 12.45 14.21
N GLN B 524 15.01 11.71 13.71
CA GLN B 524 14.01 12.20 12.77
C GLN B 524 12.61 12.13 13.32
N LEU B 525 12.47 11.58 14.51
CA LEU B 525 11.15 11.37 15.13
C LEU B 525 10.35 12.62 15.46
N LYS B 526 10.95 13.68 15.99
CA LYS B 526 10.22 14.90 16.30
C LYS B 526 9.95 15.67 15.04
N MET B 527 10.84 15.58 14.08
CA MET B 527 10.66 16.21 12.77
C MET B 527 9.41 15.69 12.08
N TYR B 528 9.17 14.39 12.11
CA TYR B 528 7.99 13.75 11.56
C TYR B 528 6.73 14.31 12.22
N GLU B 529 6.69 14.27 13.55
CA GLU B 529 5.58 14.83 14.31
C GLU B 529 5.18 16.24 13.92
N ASN B 530 6.19 17.13 13.70
CA ASN B 530 5.97 18.56 13.47
C ASN B 530 5.76 18.92 12.00
N PHE B 531 5.70 17.88 11.15
CA PHE B 531 5.63 18.14 9.70
C PHE B 531 6.87 18.81 9.14
N GLY B 532 8.02 18.51 9.78
CA GLY B 532 9.28 19.05 9.26
C GLY B 532 9.85 18.07 8.22
N ARG B 533 11.01 18.35 7.69
CA ARG B 533 11.70 17.57 6.67
C ARG B 533 13.18 17.95 6.57
N LYS B 534 14.03 17.07 6.12
CA LYS B 534 15.46 17.28 5.93
C LYS B 534 15.79 17.29 4.44
N SER B 535 16.86 17.94 4.02
CA SER B 535 17.32 17.97 2.63
C SER B 535 17.92 16.64 2.17
N LEU B 536 17.63 16.33 0.92
CA LEU B 536 18.23 15.12 0.30
C LEU B 536 19.38 15.69 -0.56
N TRP B 537 20.58 15.16 -0.45
CA TRP B 537 21.62 15.69 -1.39
C TRP B 537 21.86 14.76 -2.56
N LEU B 538 22.22 15.27 -3.71
CA LEU B 538 22.60 14.53 -4.91
C LEU B 538 24.00 14.87 -5.40
N THR B 539 24.32 16.13 -5.71
CA THR B 539 25.66 16.42 -6.22
C THR B 539 26.79 16.20 -5.21
N LYS B 540 27.98 15.93 -5.73
CA LYS B 540 29.20 15.64 -4.98
C LYS B 540 29.56 16.76 -4.03
N GLN B 541 29.46 17.99 -4.56
CA GLN B 541 29.70 19.15 -3.73
C GLN B 541 28.84 19.16 -2.50
N ASP B 542 27.53 19.00 -2.72
CA ASP B 542 26.59 19.00 -1.60
C ASP B 542 26.81 17.83 -0.64
N VAL B 543 27.17 16.67 -1.17
CA VAL B 543 27.46 15.54 -0.29
C VAL B 543 28.72 15.84 0.53
N GLU B 544 29.78 16.36 -0.09
CA GLU B 544 31.01 16.66 0.62
C GLU B 544 30.81 17.72 1.68
N ALA B 545 30.07 18.77 1.31
CA ALA B 545 29.77 19.86 2.23
C ALA B 545 28.98 19.40 3.44
N HIS B 546 28.23 18.32 3.39
CA HIS B 546 27.44 17.90 4.52
C HIS B 546 27.90 16.56 5.11
N LYS B 547 29.13 16.18 4.75
CA LYS B 547 29.67 14.89 5.19
C LYS B 547 29.82 14.78 6.69
N GLU B 548 29.42 13.67 7.32
CA GLU B 548 29.77 13.57 8.73
C GLU B 548 30.86 12.51 8.90
N SER B 549 30.99 11.62 7.92
CA SER B 549 31.99 10.56 7.96
C SER B 549 32.21 9.97 6.58
N GLN B 550 33.28 9.18 6.50
CA GLN B 550 33.74 8.57 5.26
C GLN B 550 34.39 7.22 5.50
N GLU B 551 34.17 6.26 4.63
CA GLU B 551 34.77 4.94 4.80
C GLU B 551 35.14 4.46 3.41
N VAL B 552 36.38 4.04 3.21
CA VAL B 552 36.80 3.60 1.87
C VAL B 552 37.07 2.11 1.88
N LEU B 553 36.60 1.38 0.89
CA LEU B 553 36.80 -0.07 0.82
C LEU B 553 37.58 -0.37 -0.46
N HIS B 554 38.41 -1.41 -0.41
CA HIS B 554 39.10 -1.82 -1.64
C HIS B 554 38.71 -3.27 -1.81
N VAL B 555 37.95 -3.64 -2.83
CA VAL B 555 37.54 -5.04 -2.94
C VAL B 555 37.65 -5.55 -4.38
N GLN B 556 38.03 -6.81 -4.56
CA GLN B 556 37.86 -7.26 -5.91
C GLN B 556 37.17 -8.58 -5.96
N ARG B 557 36.34 -8.56 -7.01
CA ARG B 557 35.34 -9.61 -7.17
C ARG B 557 36.09 -10.90 -7.45
#